data_4NX1
#
_entry.id   4NX1
#
_cell.length_a   127.523
_cell.length_b   82.425
_cell.length_c   106.815
_cell.angle_alpha   90.000
_cell.angle_beta   140.060
_cell.angle_gamma   90.000
#
_symmetry.space_group_name_H-M   'C 1 2 1'
#
loop_
_entity.id
_entity.type
_entity.pdbx_description
1 polymer 'C4-dicarboxylate transport system substrate-binding protein'
2 non-polymer 'alpha-D-talopyranuronic acid'
3 water water
#
_entity_poly.entity_id   1
_entity_poly.type   'polypeptide(L)'
_entity_poly.pdbx_seq_one_letter_code
;(MSE)HHHHHHSSGVDLGTENLYFQS(MSE)ETVLRGAS(MSE)FDEEHAFTKTLRKFEELVDEKYDGDVTFDLRLNGEL
GVESDYVTFLNQGVAIDYTILAPSN(MSE)AKFAPSIPL(MSE)D(MSE)PFLFRDLDHWNAVLSSDVLAPLEDELLEKA
DIKIVGYTGGGTRNLLSKQPVVTFDDLKGHK(MSE)RV(MSE)GAPIQAQIFQALTAAPSAIAYNEVYNAIQTGVIAGFE
NEAASIQNLKFYEVAPNLTLTRHSITVRPIV(MSE)SGKTFNSLPADLQAVVLEAGEEAGAYGRELESREDGVKLQE
(MSE)VDAGQLTVSEFENRDK(MSE)LE(MSE)VKPVQDAYAAEIGASDLLEAVRAK
;
_entity_poly.pdbx_strand_id   A,B
#
loop_
_chem_comp.id
_chem_comp.type
_chem_comp.name
_chem_comp.formula
X1X D-saccharide, alpha linking 'alpha-D-talopyranuronic acid' 'C6 H10 O7'
#
# COMPACT_ATOMS: atom_id res chain seq x y z
N HIS A 2 -42.25 11.69 14.04
CA HIS A 2 -42.74 11.35 12.71
C HIS A 2 -42.51 12.53 11.74
N HIS A 3 -42.66 13.77 12.21
CA HIS A 3 -42.80 14.93 11.31
C HIS A 3 -41.47 15.57 10.90
N HIS A 4 -41.24 15.60 9.58
CA HIS A 4 -39.98 16.08 9.02
C HIS A 4 -40.14 17.35 8.21
N HIS A 5 -38.99 17.91 7.85
CA HIS A 5 -39.00 19.07 7.04
C HIS A 5 -39.50 18.77 5.63
N HIS A 6 -40.31 19.67 5.09
CA HIS A 6 -40.77 19.55 3.70
C HIS A 6 -39.85 20.28 2.71
N HIS A 7 -39.45 19.56 1.66
CA HIS A 7 -38.57 20.08 0.60
C HIS A 7 -39.17 19.94 -0.80
N MSE A 23 -37.36 19.49 14.92
CA MSE A 23 -37.73 18.98 13.61
C MSE A 23 -36.54 18.94 12.66
O MSE A 23 -35.60 19.72 12.84
CB MSE A 23 -38.84 19.83 13.00
CG MSE A 23 -39.18 19.48 11.57
SE MSE A 23 -40.69 20.53 11.00
CE MSE A 23 -42.15 19.54 11.80
HA MSE A 23 -38.09 18.07 13.70
HB2 MSE A 23 -39.65 19.73 13.53
HB3 MSE A 23 -38.55 20.76 13.02
HG2 MSE A 23 -38.43 19.68 11.00
HG3 MSE A 23 -39.42 18.54 11.52
HE1 MSE A 23 -42.97 19.97 11.59
HE2 MSE A 23 -42.13 18.65 11.45
HE3 MSE A 23 -42.02 19.52 12.75
N GLU A 24 -36.58 18.07 11.66
CA GLU A 24 -35.37 17.75 10.92
C GLU A 24 -35.62 17.19 9.53
N THR A 25 -34.56 17.20 8.74
CA THR A 25 -34.53 16.50 7.48
C THR A 25 -33.88 15.15 7.73
N VAL A 26 -34.51 14.07 7.26
CA VAL A 26 -34.02 12.73 7.51
C VAL A 26 -33.63 12.09 6.19
N LEU A 27 -32.38 11.65 6.10
CA LEU A 27 -31.88 10.98 4.91
C LEU A 27 -31.58 9.54 5.29
N ARG A 28 -32.17 8.62 4.53
CA ARG A 28 -32.01 7.20 4.79
C ARG A 28 -31.00 6.56 3.87
N GLY A 29 -30.08 5.83 4.48
CA GLY A 29 -29.06 5.12 3.75
C GLY A 29 -29.13 3.62 3.88
N ALA A 30 -28.42 2.94 3.00
CA ALA A 30 -28.38 1.47 3.05
C ALA A 30 -26.96 0.98 2.79
N SER A 31 -26.58 -0.09 3.51
CA SER A 31 -25.36 -0.81 3.23
C SER A 31 -25.63 -2.29 3.39
N MSE A 32 -24.98 -3.07 2.54
CA MSE A 32 -25.08 -4.54 2.62
C MSE A 32 -24.22 -5.13 3.74
O MSE A 32 -24.34 -6.32 4.06
CB MSE A 32 -24.62 -5.13 1.28
CG MSE A 32 -25.52 -4.80 0.14
SE MSE A 32 -25.17 -5.85 -1.47
CE MSE A 32 -23.35 -5.21 -1.86
H MSE A 32 -24.47 -2.79 1.91
HA MSE A 32 -26.01 -4.80 2.75
HB2 MSE A 32 -23.74 -4.79 1.07
HB3 MSE A 32 -24.59 -6.11 1.37
HG2 MSE A 32 -26.44 -4.97 0.40
HG3 MSE A 32 -25.40 -3.86 -0.08
HE1 MSE A 32 -23.03 -5.65 -2.65
HE2 MSE A 32 -23.38 -4.26 -2.00
HE3 MSE A 32 -22.78 -5.42 -1.11
N PHE A 33 -23.33 -4.32 4.32
CA PHE A 33 -22.26 -4.81 5.18
C PHE A 33 -22.40 -4.30 6.60
N ASP A 34 -21.57 -4.83 7.50
CA ASP A 34 -21.53 -4.30 8.88
C ASP A 34 -20.61 -3.09 8.95
N GLU A 35 -20.35 -2.62 10.18
CA GLU A 35 -19.59 -1.38 10.38
C GLU A 35 -18.12 -1.53 9.96
N GLU A 36 -17.64 -2.75 9.77
CA GLU A 36 -16.22 -2.98 9.50
C GLU A 36 -15.84 -2.89 8.02
N HIS A 37 -16.82 -2.77 7.14
CA HIS A 37 -16.55 -2.75 5.70
C HIS A 37 -16.39 -1.32 5.20
N ALA A 38 -15.46 -1.15 4.26
CA ALA A 38 -15.17 0.16 3.70
C ALA A 38 -16.38 0.95 3.19
N PHE A 39 -17.36 0.29 2.57
CA PHE A 39 -18.55 0.99 2.09
C PHE A 39 -19.34 1.60 3.26
N THR A 40 -19.52 0.84 4.34
CA THR A 40 -20.22 1.36 5.51
C THR A 40 -19.42 2.52 6.10
N LYS A 41 -18.10 2.35 6.18
CA LYS A 41 -17.24 3.41 6.71
C LYS A 41 -17.29 4.66 5.85
N THR A 42 -17.37 4.48 4.52
CA THR A 42 -17.50 5.59 3.59
C THR A 42 -18.82 6.33 3.80
N LEU A 43 -19.91 5.59 3.99
CA LEU A 43 -21.18 6.23 4.23
C LEU A 43 -21.23 6.94 5.59
N ARG A 44 -20.53 6.40 6.59
CA ARG A 44 -20.42 7.09 7.87
C ARG A 44 -19.62 8.38 7.71
N LYS A 45 -18.57 8.31 6.89
CA LYS A 45 -17.73 9.49 6.67
C LYS A 45 -18.55 10.59 5.97
N PHE A 46 -19.33 10.19 4.97
CA PHE A 46 -20.26 11.07 4.26
C PHE A 46 -21.17 11.79 5.25
N GLU A 47 -21.79 11.04 6.13
CA GLU A 47 -22.67 11.59 7.14
C GLU A 47 -21.91 12.56 8.09
N GLU A 48 -20.70 12.20 8.49
CA GLU A 48 -19.90 13.05 9.36
C GLU A 48 -19.60 14.40 8.67
N LEU A 49 -19.28 14.32 7.39
CA LEU A 49 -18.83 15.50 6.66
C LEU A 49 -19.99 16.44 6.33
N VAL A 50 -21.14 15.87 5.99
CA VAL A 50 -22.31 16.70 5.81
C VAL A 50 -22.58 17.46 7.09
N ASP A 51 -22.53 16.77 8.24
CA ASP A 51 -22.79 17.41 9.52
C ASP A 51 -21.77 18.53 9.83
N GLU A 52 -20.51 18.28 9.55
CA GLU A 52 -19.46 19.29 9.74
C GLU A 52 -19.74 20.54 8.88
N LYS A 53 -20.13 20.31 7.63
CA LYS A 53 -20.14 21.37 6.62
C LYS A 53 -21.44 22.15 6.54
N TYR A 54 -22.53 21.50 6.93
CA TYR A 54 -23.84 22.11 6.73
C TYR A 54 -24.20 22.94 7.91
N ASP A 55 -24.18 24.25 7.70
CA ASP A 55 -24.69 25.21 8.65
C ASP A 55 -26.20 24.99 8.65
N GLY A 56 -26.61 23.89 9.30
CA GLY A 56 -28.00 23.46 9.31
C GLY A 56 -28.16 22.12 9.99
N ASP A 57 -29.39 21.60 9.98
CA ASP A 57 -29.72 20.34 10.65
C ASP A 57 -30.15 19.22 9.71
N VAL A 58 -29.48 18.08 9.80
CA VAL A 58 -29.85 16.91 9.01
C VAL A 58 -29.60 15.67 9.85
N THR A 59 -30.47 14.68 9.72
CA THR A 59 -30.32 13.42 10.44
C THR A 59 -30.16 12.27 9.46
N PHE A 60 -29.17 11.40 9.70
CA PHE A 60 -28.92 10.26 8.83
C PHE A 60 -29.32 9.00 9.53
N ASP A 61 -29.95 8.09 8.80
CA ASP A 61 -30.36 6.81 9.34
C ASP A 61 -29.85 5.74 8.40
N LEU A 62 -28.69 5.18 8.72
CA LEU A 62 -28.05 4.21 7.85
C LEU A 62 -28.44 2.81 8.26
N ARG A 63 -29.03 2.07 7.33
CA ARG A 63 -29.50 0.74 7.62
C ARG A 63 -28.52 -0.27 7.04
N LEU A 64 -27.84 -0.96 7.94
CA LEU A 64 -26.70 -1.82 7.66
C LEU A 64 -27.09 -3.25 7.45
N ASN A 65 -26.07 -4.06 7.20
CA ASN A 65 -26.18 -5.51 7.22
C ASN A 65 -27.18 -6.06 6.20
N GLY A 66 -27.44 -5.28 5.16
CA GLY A 66 -28.34 -5.69 4.11
C GLY A 66 -29.78 -5.78 4.60
N GLU A 67 -30.10 -5.05 5.68
CA GLU A 67 -31.46 -5.02 6.23
C GLU A 67 -32.46 -4.64 5.15
N LEU A 68 -32.04 -3.81 4.19
CA LEU A 68 -32.97 -3.30 3.18
C LEU A 68 -32.77 -3.93 1.81
N GLY A 69 -32.02 -5.02 1.77
CA GLY A 69 -31.82 -5.75 0.54
C GLY A 69 -30.39 -5.67 0.05
N VAL A 70 -30.23 -5.88 -1.26
CA VAL A 70 -28.93 -5.77 -1.94
C VAL A 70 -28.96 -4.67 -3.00
N GLU A 71 -27.84 -4.46 -3.68
CA GLU A 71 -27.74 -3.35 -4.63
C GLU A 71 -28.82 -3.34 -5.73
N SER A 72 -29.24 -4.52 -6.22
CA SER A 72 -30.30 -4.55 -7.23
C SER A 72 -31.63 -4.01 -6.66
N ASP A 73 -31.85 -4.14 -5.35
CA ASP A 73 -32.99 -3.52 -4.70
C ASP A 73 -32.74 -2.03 -4.55
N TYR A 74 -31.55 -1.66 -4.11
CA TYR A 74 -31.26 -0.26 -3.82
C TYR A 74 -31.43 0.61 -5.05
N VAL A 75 -30.99 0.13 -6.20
CA VAL A 75 -31.01 0.95 -7.40
C VAL A 75 -32.44 1.26 -7.84
N THR A 76 -33.35 0.29 -7.74
CA THR A 76 -34.76 0.56 -8.04
C THR A 76 -35.38 1.53 -7.01
N PHE A 77 -35.03 1.41 -5.74
CA PHE A 77 -35.50 2.36 -4.73
C PHE A 77 -35.08 3.79 -5.11
N LEU A 78 -33.82 3.96 -5.45
CA LEU A 78 -33.33 5.31 -5.80
C LEU A 78 -34.02 5.86 -7.06
N ASN A 79 -34.21 5.00 -8.06
CA ASN A 79 -34.90 5.40 -9.27
C ASN A 79 -36.33 5.86 -8.95
N GLN A 80 -36.99 5.18 -7.99
CA GLN A 80 -38.34 5.55 -7.59
C GLN A 80 -38.45 6.77 -6.64
N GLY A 81 -37.33 7.15 -6.03
CA GLY A 81 -37.30 8.24 -5.07
C GLY A 81 -38.05 7.93 -3.77
N VAL A 82 -38.05 6.66 -3.37
CA VAL A 82 -38.62 6.26 -2.08
C VAL A 82 -37.73 5.20 -1.44
N ALA A 83 -38.05 4.89 -0.18
CA ALA A 83 -37.43 3.80 0.58
C ALA A 83 -36.04 4.14 1.14
N ILE A 84 -35.10 4.51 0.27
CA ILE A 84 -33.80 5.00 0.72
C ILE A 84 -33.45 6.25 -0.11
N ASP A 85 -32.60 7.10 0.47
CA ASP A 85 -32.10 8.30 -0.19
C ASP A 85 -30.69 8.16 -0.75
N TYR A 86 -29.85 7.36 -0.11
CA TYR A 86 -28.43 7.28 -0.55
C TYR A 86 -27.83 5.92 -0.22
N THR A 87 -26.81 5.54 -0.99
CA THR A 87 -26.06 4.30 -0.82
C THR A 87 -24.83 4.37 -1.73
N ILE A 88 -24.19 3.22 -1.93
CA ILE A 88 -23.09 3.03 -2.90
C ILE A 88 -23.54 1.92 -3.85
N LEU A 89 -23.25 2.05 -5.14
CA LEU A 89 -23.64 1.06 -6.13
C LEU A 89 -22.52 0.74 -7.11
N ALA A 90 -22.42 -0.52 -7.50
CA ALA A 90 -21.58 -0.92 -8.59
C ALA A 90 -22.21 -0.55 -9.93
N PRO A 91 -21.41 -0.02 -10.84
CA PRO A 91 -21.91 0.27 -12.19
C PRO A 91 -22.62 -0.93 -12.85
N SER A 92 -22.10 -2.12 -12.62
CA SER A 92 -22.63 -3.31 -13.29
C SER A 92 -23.86 -3.87 -12.57
N ASN A 93 -24.28 -3.20 -11.51
CA ASN A 93 -25.59 -3.48 -10.89
C ASN A 93 -26.65 -2.42 -11.26
N MSE A 94 -26.28 -1.46 -12.11
CA MSE A 94 -27.18 -0.37 -12.51
C MSE A 94 -27.62 -0.43 -14.01
O MSE A 94 -28.27 0.50 -14.49
CB MSE A 94 -26.49 0.97 -12.29
CG MSE A 94 -26.09 1.23 -10.87
SE MSE A 94 -25.61 3.12 -10.61
CE MSE A 94 -23.73 2.98 -10.34
H MSE A 94 -25.51 -1.41 -12.47
HA MSE A 94 -27.98 -0.39 -11.95
HB2 MSE A 94 -25.68 0.99 -12.83
HB3 MSE A 94 -27.08 1.68 -12.56
HG2 MSE A 94 -26.84 1.02 -10.28
HG3 MSE A 94 -25.32 0.69 -10.64
HE1 MSE A 94 -23.37 3.86 -10.20
HE2 MSE A 94 -23.56 2.43 -9.57
HE3 MSE A 94 -23.32 2.58 -11.12
N ALA A 95 -27.29 -1.51 -14.70
CA ALA A 95 -27.44 -1.57 -16.15
C ALA A 95 -28.91 -1.53 -16.61
N LYS A 96 -29.84 -1.97 -15.76
CA LYS A 96 -31.26 -1.94 -16.11
C LYS A 96 -31.76 -0.51 -16.30
N PHE A 97 -31.17 0.40 -15.53
CA PHE A 97 -31.58 1.78 -15.50
C PHE A 97 -30.69 2.72 -16.33
N ALA A 98 -29.42 2.34 -16.54
CA ALA A 98 -28.48 3.16 -17.34
C ALA A 98 -27.48 2.26 -18.04
N PRO A 99 -27.76 1.87 -19.28
CA PRO A 99 -26.99 0.81 -19.94
C PRO A 99 -25.53 1.17 -20.21
N SER A 100 -25.20 2.46 -20.23
CA SER A 100 -23.83 2.89 -20.47
C SER A 100 -22.96 2.86 -19.22
N ILE A 101 -23.57 2.92 -18.05
CA ILE A 101 -22.72 3.13 -16.88
C ILE A 101 -21.79 1.96 -16.52
N PRO A 102 -22.12 0.70 -16.91
CA PRO A 102 -21.13 -0.35 -16.66
C PRO A 102 -19.75 -0.13 -17.32
N LEU A 103 -19.66 0.75 -18.31
CA LEU A 103 -18.37 1.08 -18.88
C LEU A 103 -17.39 1.59 -17.82
N MSE A 104 -17.93 2.27 -16.81
CA MSE A 104 -17.15 2.98 -15.80
C MSE A 104 -16.06 2.13 -15.16
O MSE A 104 -15.00 2.63 -14.85
CB MSE A 104 -18.13 3.48 -14.74
CG MSE A 104 -17.57 4.41 -13.76
SE MSE A 104 -19.03 5.18 -12.71
CE MSE A 104 -19.60 6.75 -13.72
H MSE A 104 -18.78 2.35 -16.70
HA MSE A 104 -16.73 3.76 -16.22
HB2 MSE A 104 -18.87 3.94 -15.19
HB3 MSE A 104 -18.47 2.72 -14.25
HG2 MSE A 104 -16.97 3.95 -13.16
HG3 MSE A 104 -17.10 5.13 -14.23
HE1 MSE A 104 -20.32 7.18 -13.26
HE2 MSE A 104 -18.86 7.36 -13.80
HE3 MSE A 104 -19.89 6.47 -14.60
N ASP A 105 -16.35 0.85 -14.92
CA ASP A 105 -15.32 -0.03 -14.36
C ASP A 105 -15.42 -1.44 -14.91
N MSE A 106 -15.70 -1.53 -16.18
CA MSE A 106 -15.85 -2.85 -16.77
C MSE A 106 -14.53 -3.64 -16.66
O MSE A 106 -13.43 -3.07 -16.52
CB MSE A 106 -16.30 -2.77 -18.21
CG MSE A 106 -15.34 -2.12 -19.17
SE MSE A 106 -15.83 -2.42 -21.07
CE MSE A 106 -14.42 -1.36 -21.86
H MSE A 106 -15.82 -0.87 -16.72
HA MSE A 106 -16.53 -3.33 -16.27
HB2 MSE A 106 -16.48 -3.67 -18.53
HB3 MSE A 106 -17.13 -2.25 -18.24
HG2 MSE A 106 -15.34 -1.16 -19.02
HG3 MSE A 106 -14.46 -2.49 -19.03
HE1 MSE A 106 -14.49 -1.38 -22.81
HE2 MSE A 106 -14.50 -0.45 -21.54
HE3 MSE A 106 -13.56 -1.72 -21.58
N PRO A 107 -14.64 -4.97 -16.73
CA PRO A 107 -13.45 -5.79 -16.53
C PRO A 107 -12.32 -5.46 -17.51
N PHE A 108 -11.11 -5.45 -16.96
CA PHE A 108 -9.87 -5.21 -17.71
C PHE A 108 -9.78 -3.78 -18.27
N LEU A 109 -10.57 -2.86 -17.76
CA LEU A 109 -10.46 -1.45 -18.22
C LEU A 109 -9.18 -0.78 -17.71
N PHE A 110 -8.82 -1.04 -16.45
CA PHE A 110 -7.67 -0.39 -15.81
C PHE A 110 -6.42 -1.30 -15.79
N ARG A 111 -5.25 -0.71 -16.00
CA ARG A 111 -4.01 -1.45 -16.15
C ARG A 111 -3.55 -1.80 -14.75
N ASP A 112 -3.85 -0.88 -13.84
CA ASP A 112 -3.33 -0.93 -12.49
C ASP A 112 -3.93 0.22 -11.67
N LEU A 113 -3.56 0.29 -10.40
CA LEU A 113 -4.09 1.32 -9.50
C LEU A 113 -3.73 2.72 -9.95
N ASP A 114 -2.52 2.90 -10.48
CA ASP A 114 -2.12 4.21 -11.01
C ASP A 114 -3.10 4.69 -12.12
N HIS A 115 -3.49 3.77 -12.99
CA HIS A 115 -4.38 4.10 -14.13
C HIS A 115 -5.75 4.47 -13.60
N TRP A 116 -6.24 3.62 -12.70
CA TRP A 116 -7.53 3.81 -12.07
C TRP A 116 -7.56 5.17 -11.36
N ASN A 117 -6.49 5.50 -10.65
CA ASN A 117 -6.42 6.79 -9.97
C ASN A 117 -6.42 7.96 -10.93
N ALA A 118 -5.74 7.80 -12.07
CA ALA A 118 -5.66 8.89 -13.03
C ALA A 118 -7.06 9.20 -13.59
N VAL A 119 -7.95 8.21 -13.57
CA VAL A 119 -9.31 8.40 -14.07
C VAL A 119 -10.20 9.13 -13.04
N LEU A 120 -10.19 8.66 -11.81
CA LEU A 120 -11.07 9.20 -10.78
C LEU A 120 -10.66 10.61 -10.40
N SER A 121 -9.39 10.93 -10.66
CA SER A 121 -8.85 12.26 -10.39
C SER A 121 -9.28 13.30 -11.43
N SER A 122 -9.70 12.83 -12.58
CA SER A 122 -10.20 13.71 -13.63
C SER A 122 -11.72 13.90 -13.51
N ASP A 123 -12.30 14.49 -14.55
CA ASP A 123 -13.74 14.55 -14.69
C ASP A 123 -14.14 13.82 -15.98
N VAL A 124 -13.31 12.87 -16.39
CA VAL A 124 -13.52 12.16 -17.65
C VAL A 124 -14.82 11.30 -17.69
N LEU A 125 -15.31 10.88 -16.53
CA LEU A 125 -16.50 10.04 -16.46
C LEU A 125 -17.78 10.84 -16.49
N ALA A 126 -17.65 12.15 -16.65
CA ALA A 126 -18.77 13.05 -16.54
C ALA A 126 -19.94 12.64 -17.43
N PRO A 127 -19.65 12.24 -18.68
CA PRO A 127 -20.76 11.85 -19.57
C PRO A 127 -21.58 10.72 -18.98
N LEU A 128 -20.94 9.82 -18.26
CA LEU A 128 -21.66 8.70 -17.68
C LEU A 128 -22.48 9.16 -16.47
N GLU A 129 -21.93 10.06 -15.64
CA GLU A 129 -22.72 10.71 -14.59
C GLU A 129 -23.98 11.35 -15.15
N ASP A 130 -23.80 12.10 -16.23
CA ASP A 130 -24.90 12.79 -16.87
C ASP A 130 -25.97 11.79 -17.32
N GLU A 131 -25.55 10.67 -17.93
CA GLU A 131 -26.54 9.68 -18.41
C GLU A 131 -27.29 9.08 -17.24
N LEU A 132 -26.59 8.79 -16.15
CA LEU A 132 -27.24 8.17 -15.01
C LEU A 132 -28.28 9.11 -14.42
N LEU A 133 -27.96 10.39 -14.35
CA LEU A 133 -28.93 11.32 -13.79
C LEU A 133 -30.13 11.48 -14.74
N GLU A 134 -29.87 11.60 -16.04
CA GLU A 134 -30.96 11.83 -17.00
C GLU A 134 -31.86 10.62 -17.21
N LYS A 135 -31.25 9.46 -17.38
CA LYS A 135 -32.00 8.24 -17.66
C LYS A 135 -32.58 7.58 -16.41
N ALA A 136 -31.83 7.58 -15.31
CA ALA A 136 -32.19 6.77 -14.13
C ALA A 136 -32.62 7.61 -12.92
N ASP A 137 -32.47 8.93 -13.03
CA ASP A 137 -32.74 9.87 -11.96
C ASP A 137 -31.96 9.49 -10.70
N ILE A 138 -30.68 9.18 -10.87
CA ILE A 138 -29.77 8.92 -9.76
C ILE A 138 -28.57 9.86 -9.89
N LYS A 139 -28.27 10.55 -8.80
CA LYS A 139 -27.16 11.54 -8.77
C LYS A 139 -25.91 10.92 -8.14
N ILE A 140 -24.81 10.90 -8.88
CA ILE A 140 -23.51 10.56 -8.30
C ILE A 140 -22.96 11.75 -7.51
N VAL A 141 -22.63 11.52 -6.23
CA VAL A 141 -22.13 12.59 -5.37
C VAL A 141 -20.67 12.39 -4.94
N GLY A 142 -20.07 11.28 -5.36
CA GLY A 142 -18.66 11.01 -5.14
C GLY A 142 -18.33 9.59 -5.56
N TYR A 143 -17.04 9.24 -5.51
CA TYR A 143 -16.59 7.90 -5.90
C TYR A 143 -15.75 7.22 -4.85
N THR A 144 -16.20 6.05 -4.41
CA THR A 144 -15.36 5.17 -3.60
C THR A 144 -14.96 3.94 -4.46
N GLY A 145 -14.45 2.88 -3.82
CA GLY A 145 -14.01 1.70 -4.54
C GLY A 145 -12.55 1.48 -4.29
N GLY A 146 -11.89 0.84 -5.24
CA GLY A 146 -10.48 0.55 -5.12
C GLY A 146 -10.13 -0.85 -4.73
N GLY A 147 -11.12 -1.72 -4.66
CA GLY A 147 -10.87 -3.15 -4.49
C GLY A 147 -10.53 -3.83 -5.80
N THR A 148 -9.77 -4.92 -5.70
CA THR A 148 -9.40 -5.66 -6.89
C THR A 148 -10.21 -6.95 -6.92
N ARG A 149 -11.02 -7.13 -7.97
CA ARG A 149 -11.85 -8.34 -8.07
C ARG A 149 -11.06 -9.48 -8.69
N ASN A 150 -11.17 -10.65 -8.05
CA ASN A 150 -10.54 -11.88 -8.46
C ASN A 150 -11.57 -13.01 -8.50
N LEU A 151 -11.26 -14.09 -9.21
CA LEU A 151 -12.09 -15.29 -9.14
C LEU A 151 -12.00 -15.92 -7.75
N LEU A 152 -13.14 -16.34 -7.21
CA LEU A 152 -13.17 -17.09 -5.96
C LEU A 152 -14.06 -18.32 -6.19
N SER A 153 -13.49 -19.51 -5.95
CA SER A 153 -14.11 -20.78 -6.35
C SER A 153 -13.99 -21.87 -5.29
N LYS A 154 -14.82 -22.90 -5.42
CA LYS A 154 -14.73 -24.09 -4.57
C LYS A 154 -13.40 -24.81 -4.80
N GLN A 155 -13.13 -25.14 -6.06
CA GLN A 155 -11.90 -25.82 -6.44
C GLN A 155 -10.96 -24.83 -7.12
N PRO A 156 -9.65 -25.14 -7.15
CA PRO A 156 -8.73 -24.24 -7.83
C PRO A 156 -9.09 -24.05 -9.29
N VAL A 157 -9.03 -22.81 -9.76
CA VAL A 157 -9.24 -22.47 -11.15
C VAL A 157 -8.04 -21.66 -11.59
N VAL A 158 -7.07 -22.31 -12.20
CA VAL A 158 -5.77 -21.68 -12.40
C VAL A 158 -5.20 -21.75 -13.81
N THR A 159 -5.93 -22.39 -14.72
CA THR A 159 -5.53 -22.49 -16.11
C THR A 159 -6.73 -22.26 -17.03
N PHE A 160 -6.48 -22.03 -18.31
CA PHE A 160 -7.58 -21.87 -19.25
C PHE A 160 -8.39 -23.16 -19.41
N ASP A 161 -7.76 -24.31 -19.17
CA ASP A 161 -8.49 -25.57 -19.15
C ASP A 161 -9.49 -25.60 -17.98
N ASP A 162 -9.10 -25.06 -16.83
CA ASP A 162 -9.99 -24.99 -15.66
C ASP A 162 -11.16 -24.03 -15.93
N LEU A 163 -10.86 -22.96 -16.67
CA LEU A 163 -11.81 -21.89 -16.86
C LEU A 163 -12.87 -22.25 -17.90
N LYS A 164 -12.52 -23.14 -18.82
CA LYS A 164 -13.45 -23.56 -19.84
C LYS A 164 -14.65 -24.26 -19.24
N GLY A 165 -15.83 -23.68 -19.44
CA GLY A 165 -17.07 -24.22 -18.86
C GLY A 165 -17.23 -23.99 -17.36
N HIS A 166 -16.40 -23.12 -16.80
CA HIS A 166 -16.46 -22.83 -15.37
C HIS A 166 -17.73 -22.05 -15.06
N LYS A 167 -18.62 -22.65 -14.27
CA LYS A 167 -19.89 -22.00 -13.92
C LYS A 167 -19.67 -20.97 -12.81
N MSE A 168 -19.96 -19.71 -13.11
CA MSE A 168 -19.68 -18.64 -12.15
C MSE A 168 -20.77 -17.59 -12.16
O MSE A 168 -21.30 -17.24 -13.19
CB MSE A 168 -18.31 -18.00 -12.42
CG MSE A 168 -18.17 -17.49 -13.83
SE MSE A 168 -16.49 -16.58 -14.26
CE MSE A 168 -16.65 -15.11 -13.04
H MSE A 168 -20.31 -19.45 -13.85
HA MSE A 168 -19.64 -19.03 -11.26
HB2 MSE A 168 -18.19 -17.25 -11.81
HB3 MSE A 168 -17.62 -18.67 -12.27
HG2 MSE A 168 -18.25 -18.24 -14.44
HG3 MSE A 168 -18.89 -16.85 -13.99
HE1 MSE A 168 -15.87 -14.54 -13.12
HE2 MSE A 168 -17.44 -14.61 -13.24
HE3 MSE A 168 -16.71 -15.44 -12.14
N ARG A 169 -21.07 -17.02 -10.99
CA ARG A 169 -21.97 -15.90 -10.94
C ARG A 169 -21.31 -14.60 -11.39
N VAL A 170 -22.05 -13.81 -12.15
CA VAL A 170 -21.68 -12.44 -12.53
C VAL A 170 -22.81 -11.50 -12.12
N MSE A 171 -22.47 -10.23 -11.94
CA MSE A 171 -23.47 -9.15 -11.86
C MSE A 171 -24.27 -9.16 -13.18
O MSE A 171 -23.81 -9.75 -14.17
CB MSE A 171 -22.78 -7.82 -11.62
CG MSE A 171 -22.17 -7.70 -10.23
SE MSE A 171 -21.33 -5.94 -10.04
CE MSE A 171 -19.66 -6.37 -10.94
H MSE A 171 -21.66 -9.95 -11.86
HA MSE A 171 -24.08 -9.32 -11.11
HB2 MSE A 171 -22.07 -7.71 -12.27
HB3 MSE A 171 -23.43 -7.10 -11.73
HG2 MSE A 171 -22.87 -7.78 -9.56
HG3 MSE A 171 -21.49 -8.39 -10.10
HE1 MSE A 171 -19.10 -5.59 -10.94
HE2 MSE A 171 -19.22 -7.08 -10.46
HE3 MSE A 171 -19.84 -6.64 -11.84
N GLY A 172 -25.41 -8.49 -13.21
CA GLY A 172 -26.30 -8.55 -14.36
C GLY A 172 -26.01 -7.71 -15.59
N ALA A 173 -25.10 -6.74 -15.50
CA ALA A 173 -24.81 -5.94 -16.67
C ALA A 173 -24.30 -6.86 -17.76
N PRO A 174 -24.82 -6.66 -18.99
CA PRO A 174 -24.43 -7.55 -20.10
C PRO A 174 -22.91 -7.70 -20.25
N ILE A 175 -22.18 -6.61 -20.08
CA ILE A 175 -20.73 -6.67 -20.27
C ILE A 175 -20.05 -7.71 -19.38
N GLN A 176 -20.55 -7.95 -18.16
CA GLN A 176 -19.91 -8.93 -17.25
C GLN A 176 -19.97 -10.35 -17.85
N ALA A 177 -21.17 -10.77 -18.25
CA ALA A 177 -21.33 -12.07 -18.89
C ALA A 177 -20.52 -12.12 -20.19
N GLN A 178 -20.52 -11.03 -20.98
CA GLN A 178 -19.80 -11.06 -22.26
C GLN A 178 -18.30 -11.26 -22.04
N ILE A 179 -17.74 -10.59 -21.03
CA ILE A 179 -16.31 -10.73 -20.72
C ILE A 179 -15.98 -12.16 -20.33
N PHE A 180 -16.76 -12.73 -19.43
CA PHE A 180 -16.42 -14.06 -18.93
C PHE A 180 -16.74 -15.17 -19.94
N GLN A 181 -17.72 -14.96 -20.81
CA GLN A 181 -17.96 -15.84 -21.93
C GLN A 181 -16.77 -15.81 -22.90
N ALA A 182 -16.20 -14.62 -23.14
CA ALA A 182 -15.03 -14.50 -24.00
C ALA A 182 -13.82 -15.24 -23.42
N LEU A 183 -13.82 -15.43 -22.10
CA LEU A 183 -12.76 -16.16 -21.43
C LEU A 183 -13.07 -17.65 -21.33
N THR A 184 -14.18 -18.06 -21.95
CA THR A 184 -14.64 -19.47 -22.13
C THR A 184 -15.41 -20.02 -20.91
N ALA A 185 -15.68 -19.16 -19.93
CA ALA A 185 -16.47 -19.57 -18.78
C ALA A 185 -17.96 -19.60 -19.13
N ALA A 186 -18.74 -20.10 -18.17
CA ALA A 186 -20.20 -20.16 -18.27
C ALA A 186 -20.85 -19.24 -17.22
N PRO A 187 -20.95 -17.94 -17.53
CA PRO A 187 -21.47 -17.03 -16.49
C PRO A 187 -22.98 -17.19 -16.28
N SER A 188 -23.40 -16.83 -15.08
CA SER A 188 -24.79 -16.90 -14.67
C SER A 188 -25.12 -15.66 -13.83
N ALA A 189 -26.15 -14.90 -14.21
CA ALA A 189 -26.56 -13.70 -13.46
C ALA A 189 -27.46 -14.05 -12.28
N ILE A 190 -26.85 -14.42 -11.17
CA ILE A 190 -27.51 -14.88 -9.97
C ILE A 190 -27.40 -13.74 -8.95
N ALA A 191 -28.46 -13.53 -8.17
CA ALA A 191 -28.49 -12.48 -7.15
C ALA A 191 -27.34 -12.63 -6.14
N TYR A 192 -26.80 -11.48 -5.71
CA TYR A 192 -25.65 -11.51 -4.81
C TYR A 192 -25.93 -12.26 -3.49
N ASN A 193 -27.15 -12.12 -2.97
CA ASN A 193 -27.55 -12.75 -1.72
C ASN A 193 -27.87 -14.25 -1.90
N GLU A 194 -27.76 -14.74 -3.13
CA GLU A 194 -27.98 -16.17 -3.41
C GLU A 194 -26.69 -16.91 -3.76
N VAL A 195 -25.59 -16.18 -3.91
CA VAL A 195 -24.31 -16.74 -4.32
C VAL A 195 -23.79 -17.80 -3.34
N TYR A 196 -23.81 -17.49 -2.06
CA TYR A 196 -23.24 -18.37 -1.04
C TYR A 196 -23.89 -19.75 -1.10
N ASN A 197 -25.22 -19.76 -1.09
CA ASN A 197 -25.93 -21.01 -1.18
C ASN A 197 -25.76 -21.68 -2.54
N ALA A 198 -25.68 -20.89 -3.62
CA ALA A 198 -25.57 -21.47 -4.97
C ALA A 198 -24.21 -22.20 -5.11
N ILE A 199 -23.17 -21.66 -4.49
CA ILE A 199 -21.89 -22.36 -4.49
C ILE A 199 -21.94 -23.59 -3.58
N GLN A 200 -22.52 -23.40 -2.38
CA GLN A 200 -22.45 -24.40 -1.31
C GLN A 200 -23.19 -25.63 -1.75
N THR A 201 -24.19 -25.44 -2.62
CA THR A 201 -24.99 -26.56 -3.11
C THR A 201 -24.62 -26.94 -4.56
N GLY A 202 -23.60 -26.29 -5.11
CA GLY A 202 -22.97 -26.73 -6.34
C GLY A 202 -23.62 -26.30 -7.64
N VAL A 203 -24.62 -25.44 -7.55
CA VAL A 203 -25.25 -24.82 -8.71
C VAL A 203 -24.21 -24.08 -9.60
N ILE A 204 -23.32 -23.38 -8.93
CA ILE A 204 -22.18 -22.74 -9.59
C ILE A 204 -20.93 -23.19 -8.88
N ALA A 205 -19.79 -22.96 -9.50
CA ALA A 205 -18.51 -23.32 -8.92
C ALA A 205 -17.82 -22.15 -8.23
N GLY A 206 -18.26 -20.93 -8.53
CA GLY A 206 -17.60 -19.77 -7.98
C GLY A 206 -18.24 -18.47 -8.42
N PHE A 207 -17.58 -17.37 -8.08
CA PHE A 207 -18.01 -16.03 -8.50
C PHE A 207 -16.75 -15.16 -8.56
N GLU A 208 -16.87 -13.85 -8.47
CA GLU A 208 -15.71 -12.99 -8.49
C GLU A 208 -16.02 -11.78 -7.62
N ASN A 209 -15.03 -11.34 -6.83
CA ASN A 209 -15.27 -10.27 -5.84
C ASN A 209 -13.93 -9.81 -5.35
N GLU A 210 -13.94 -8.64 -4.70
CA GLU A 210 -12.74 -8.07 -4.10
C GLU A 210 -12.59 -8.51 -2.64
N ALA A 211 -11.40 -8.30 -2.08
CA ALA A 211 -11.07 -8.88 -0.76
C ALA A 211 -12.00 -8.46 0.38
N ALA A 212 -12.33 -7.18 0.42
CA ALA A 212 -13.08 -6.63 1.55
C ALA A 212 -14.46 -7.26 1.68
N SER A 213 -15.14 -7.49 0.56
CA SER A 213 -16.48 -8.06 0.61
C SER A 213 -16.45 -9.59 0.83
N ILE A 214 -15.44 -10.25 0.28
CA ILE A 214 -15.24 -11.67 0.51
C ILE A 214 -15.06 -11.91 2.01
N GLN A 215 -14.19 -11.13 2.64
CA GLN A 215 -13.96 -11.27 4.07
C GLN A 215 -15.20 -10.92 4.90
N ASN A 216 -15.81 -9.77 4.60
CA ASN A 216 -16.89 -9.29 5.43
C ASN A 216 -18.10 -10.21 5.42
N LEU A 217 -18.41 -10.77 4.25
CA LEU A 217 -19.57 -11.66 4.12
C LEU A 217 -19.21 -13.14 4.21
N LYS A 218 -17.95 -13.46 4.48
CA LYS A 218 -17.51 -14.81 4.74
C LYS A 218 -17.67 -15.77 3.57
N PHE A 219 -17.55 -15.25 2.35
CA PHE A 219 -17.69 -16.09 1.17
C PHE A 219 -16.59 -17.14 1.08
N TYR A 220 -15.47 -16.92 1.76
CA TYR A 220 -14.41 -17.92 1.83
C TYR A 220 -14.86 -19.27 2.40
N GLU A 221 -15.93 -19.24 3.20
CA GLU A 221 -16.45 -20.44 3.86
C GLU A 221 -16.93 -21.47 2.84
N VAL A 222 -17.40 -21.00 1.69
CA VAL A 222 -17.89 -21.89 0.63
C VAL A 222 -16.98 -21.94 -0.59
N ALA A 223 -16.15 -20.91 -0.76
CA ALA A 223 -15.25 -20.80 -1.92
C ALA A 223 -13.86 -20.37 -1.44
N PRO A 224 -13.04 -21.36 -1.03
CA PRO A 224 -11.73 -21.09 -0.41
C PRO A 224 -10.58 -20.86 -1.40
N ASN A 225 -10.85 -20.92 -2.71
CA ASN A 225 -9.76 -20.85 -3.68
C ASN A 225 -9.85 -19.58 -4.49
N LEU A 226 -8.88 -18.68 -4.28
CA LEU A 226 -8.85 -17.41 -4.95
C LEU A 226 -7.84 -17.46 -6.08
N THR A 227 -8.23 -16.95 -7.24
CA THR A 227 -7.29 -16.88 -8.36
C THR A 227 -7.06 -15.40 -8.68
N LEU A 228 -5.79 -15.02 -8.79
CA LEU A 228 -5.39 -13.61 -9.01
C LEU A 228 -5.51 -13.18 -10.47
N THR A 229 -6.75 -13.18 -10.96
CA THR A 229 -7.06 -12.67 -12.29
C THR A 229 -7.04 -11.15 -12.35
N ARG A 230 -7.28 -10.51 -11.19
CA ARG A 230 -7.20 -9.05 -11.04
C ARG A 230 -7.92 -8.35 -12.18
N HIS A 231 -9.14 -8.77 -12.43
CA HIS A 231 -9.81 -8.43 -13.67
C HIS A 231 -10.65 -7.18 -13.54
N SER A 232 -10.80 -6.64 -12.33
CA SER A 232 -11.49 -5.36 -12.17
C SER A 232 -10.89 -4.66 -10.99
N ILE A 233 -10.75 -3.34 -11.11
CA ILE A 233 -10.50 -2.47 -9.96
C ILE A 233 -11.76 -1.65 -9.82
N THR A 234 -12.39 -1.71 -8.67
CA THR A 234 -13.76 -1.19 -8.59
C THR A 234 -13.83 0.32 -8.58
N VAL A 235 -14.85 0.81 -9.26
CA VAL A 235 -15.29 2.20 -9.16
C VAL A 235 -16.70 2.14 -8.59
N ARG A 236 -16.91 2.76 -7.45
CA ARG A 236 -18.15 2.63 -6.68
C ARG A 236 -18.74 3.99 -6.35
N PRO A 237 -19.59 4.50 -7.25
CA PRO A 237 -20.22 5.80 -6.96
C PRO A 237 -21.02 5.78 -5.68
N ILE A 238 -20.84 6.83 -4.89
CA ILE A 238 -21.75 7.17 -3.83
C ILE A 238 -22.91 7.93 -4.50
N VAL A 239 -24.12 7.46 -4.28
CA VAL A 239 -25.30 7.89 -5.01
C VAL A 239 -26.44 8.32 -4.09
N MSE A 240 -27.17 9.33 -4.57
CA MSE A 240 -28.38 9.80 -3.92
C MSE A 240 -29.48 9.79 -4.97
O MSE A 240 -29.24 9.99 -6.15
CB MSE A 240 -28.21 11.23 -3.36
CG MSE A 240 -29.41 11.70 -2.58
SE MSE A 240 -29.05 13.38 -1.62
CE MSE A 240 -27.84 12.70 -0.27
H MSE A 240 -26.97 9.76 -5.29
HA MSE A 240 -28.62 9.21 -3.18
HB2 MSE A 240 -27.45 11.24 -2.76
HB3 MSE A 240 -28.07 11.85 -4.09
HG2 MSE A 240 -30.15 11.85 -3.19
HG3 MSE A 240 -29.65 11.03 -1.93
HE1 MSE A 240 -27.57 13.43 0.29
HE2 MSE A 240 -28.29 12.03 0.25
HE3 MSE A 240 -27.07 12.31 -0.69
N SER A 241 -30.72 9.52 -4.56
CA SER A 241 -31.77 9.62 -5.53
C SER A 241 -31.82 11.04 -6.12
N GLY A 242 -32.11 11.14 -7.40
CA GLY A 242 -32.32 12.45 -7.99
C GLY A 242 -33.49 13.21 -7.37
N LYS A 243 -34.55 12.48 -7.03
CA LYS A 243 -35.72 13.08 -6.41
C LYS A 243 -35.35 13.74 -5.08
N THR A 244 -34.60 13.03 -4.25
CA THR A 244 -34.17 13.62 -2.98
C THR A 244 -33.16 14.75 -3.19
N PHE A 245 -32.10 14.48 -3.96
CA PHE A 245 -31.07 15.50 -4.16
C PHE A 245 -31.66 16.82 -4.68
N ASN A 246 -32.47 16.73 -5.73
CA ASN A 246 -33.01 17.94 -6.35
C ASN A 246 -33.98 18.67 -5.45
N SER A 247 -34.55 17.97 -4.48
CA SER A 247 -35.47 18.58 -3.52
C SER A 247 -34.72 19.36 -2.44
N LEU A 248 -33.48 18.99 -2.18
CA LEU A 248 -32.76 19.60 -1.06
C LEU A 248 -32.50 21.08 -1.34
N PRO A 249 -32.46 21.89 -0.26
CA PRO A 249 -32.13 23.30 -0.45
C PRO A 249 -30.76 23.48 -1.12
N ALA A 250 -30.61 24.57 -1.84
CA ALA A 250 -29.43 24.74 -2.70
C ALA A 250 -28.13 24.66 -1.92
N ASP A 251 -28.09 25.18 -0.69
CA ASP A 251 -26.84 25.14 0.07
C ASP A 251 -26.52 23.68 0.46
N LEU A 252 -27.55 22.93 0.84
CA LEU A 252 -27.32 21.53 1.22
C LEU A 252 -26.93 20.69 -0.01
N GLN A 253 -27.47 20.98 -1.17
CA GLN A 253 -27.00 20.28 -2.37
C GLN A 253 -25.50 20.41 -2.51
N ALA A 254 -25.00 21.63 -2.37
CA ALA A 254 -23.59 21.89 -2.58
C ALA A 254 -22.77 21.17 -1.52
N VAL A 255 -23.26 21.16 -0.29
CA VAL A 255 -22.57 20.44 0.79
C VAL A 255 -22.51 18.94 0.51
N VAL A 256 -23.61 18.38 0.02
CA VAL A 256 -23.69 16.95 -0.29
C VAL A 256 -22.64 16.57 -1.34
N LEU A 257 -22.46 17.42 -2.34
CA LEU A 257 -21.44 17.17 -3.36
C LEU A 257 -20.02 17.25 -2.78
N GLU A 258 -19.74 18.24 -1.94
CA GLU A 258 -18.42 18.34 -1.33
C GLU A 258 -18.16 17.16 -0.40
N ALA A 259 -19.16 16.83 0.42
CA ALA A 259 -19.05 15.71 1.37
C ALA A 259 -18.87 14.40 0.63
N GLY A 260 -19.62 14.24 -0.44
CA GLY A 260 -19.54 13.03 -1.24
C GLY A 260 -18.17 12.86 -1.86
N GLU A 261 -17.61 13.95 -2.38
CA GLU A 261 -16.31 13.89 -3.01
C GLU A 261 -15.26 13.45 -1.99
N GLU A 262 -15.28 14.09 -0.82
CA GLU A 262 -14.28 13.82 0.20
C GLU A 262 -14.43 12.44 0.80
N ALA A 263 -15.68 12.04 1.05
CA ALA A 263 -15.94 10.69 1.53
C ALA A 263 -15.47 9.61 0.54
N GLY A 264 -15.70 9.82 -0.74
CA GLY A 264 -15.23 8.91 -1.78
C GLY A 264 -13.71 8.79 -1.73
N ALA A 265 -13.03 9.93 -1.66
CA ALA A 265 -11.58 9.92 -1.54
C ALA A 265 -11.09 9.10 -0.33
N TYR A 266 -11.70 9.33 0.83
CA TYR A 266 -11.42 8.56 2.01
C TYR A 266 -11.63 7.06 1.78
N GLY A 267 -12.75 6.70 1.18
CA GLY A 267 -13.14 5.30 1.04
C GLY A 267 -12.24 4.56 0.08
N ARG A 268 -11.81 5.23 -0.97
CA ARG A 268 -11.02 4.51 -1.93
C ARG A 268 -9.54 4.45 -1.51
N GLU A 269 -9.05 5.43 -0.76
CA GLU A 269 -7.73 5.31 -0.12
C GLU A 269 -7.77 4.10 0.82
N LEU A 270 -8.86 3.99 1.57
CA LEU A 270 -8.99 2.95 2.58
C LEU A 270 -9.05 1.57 1.94
N GLU A 271 -9.95 1.37 0.99
CA GLU A 271 -10.16 0.02 0.44
C GLU A 271 -8.94 -0.40 -0.36
N SER A 272 -8.40 0.51 -1.16
CA SER A 272 -7.22 0.18 -1.96
C SER A 272 -6.02 -0.19 -1.09
N ARG A 273 -5.86 0.46 0.05
CA ARG A 273 -4.75 0.16 0.94
C ARG A 273 -4.95 -1.19 1.65
N GLU A 274 -6.20 -1.48 2.01
CA GLU A 274 -6.51 -2.69 2.77
C GLU A 274 -6.66 -3.95 1.92
N ASP A 275 -6.78 -3.82 0.61
CA ASP A 275 -7.18 -4.99 -0.21
C ASP A 275 -6.16 -6.13 -0.06
N GLY A 276 -4.87 -5.83 -0.26
CA GLY A 276 -3.84 -6.85 -0.11
C GLY A 276 -3.69 -7.34 1.32
N VAL A 277 -3.89 -6.43 2.26
CA VAL A 277 -3.81 -6.74 3.67
C VAL A 277 -4.87 -7.78 4.05
N LYS A 278 -6.08 -7.62 3.53
CA LYS A 278 -7.17 -8.53 3.85
C LYS A 278 -7.02 -9.89 3.19
N LEU A 279 -6.48 -9.93 1.97
CA LEU A 279 -6.13 -11.21 1.35
C LEU A 279 -5.15 -11.94 2.29
N GLN A 280 -4.12 -11.23 2.78
CA GLN A 280 -3.15 -11.85 3.66
C GLN A 280 -3.77 -12.33 5.00
N GLU A 281 -4.69 -11.55 5.54
CA GLU A 281 -5.40 -11.95 6.76
C GLU A 281 -6.07 -13.30 6.53
N MSE A 282 -6.71 -13.45 5.38
CA MSE A 282 -7.48 -14.67 5.11
C MSE A 282 -6.55 -15.84 4.83
O MSE A 282 -6.85 -16.97 5.21
CB MSE A 282 -8.45 -14.43 3.96
CG MSE A 282 -9.67 -13.59 4.39
SE MSE A 282 -10.99 -13.37 2.99
CE MSE A 282 -10.09 -12.00 1.90
H MSE A 282 -6.71 -12.88 4.74
HA MSE A 282 -8.01 -14.88 5.90
HB2 MSE A 282 -7.99 -13.95 3.25
HB3 MSE A 282 -8.77 -15.28 3.63
HG2 MSE A 282 -10.10 -14.03 5.15
HG3 MSE A 282 -9.36 -12.71 4.66
HE1 MSE A 282 -10.65 -11.78 1.16
HE2 MSE A 282 -9.95 -11.22 2.44
HE3 MSE A 282 -9.25 -12.34 1.60
N VAL A 283 -5.40 -15.56 4.24
CA VAL A 283 -4.41 -16.60 4.04
C VAL A 283 -3.88 -17.05 5.40
N ASP A 284 -3.55 -16.09 6.25
CA ASP A 284 -2.93 -16.38 7.52
C ASP A 284 -3.91 -17.16 8.39
N ALA A 285 -5.20 -16.88 8.25
CA ALA A 285 -6.25 -17.51 9.05
C ALA A 285 -6.62 -18.90 8.51
N GLY A 286 -5.99 -19.31 7.42
CA GLY A 286 -6.31 -20.59 6.80
C GLY A 286 -7.65 -20.62 6.07
N GLN A 287 -8.14 -19.45 5.68
CA GLN A 287 -9.47 -19.32 5.06
C GLN A 287 -9.43 -19.28 3.54
N LEU A 288 -8.30 -18.84 2.99
CA LEU A 288 -8.16 -18.74 1.55
C LEU A 288 -6.87 -19.39 1.10
N THR A 289 -6.91 -20.02 -0.07
CA THR A 289 -5.68 -20.38 -0.75
C THR A 289 -5.57 -19.49 -1.98
N VAL A 290 -4.49 -18.74 -2.10
CA VAL A 290 -4.35 -17.78 -3.20
C VAL A 290 -3.41 -18.35 -4.28
N SER A 291 -3.86 -18.29 -5.53
CA SER A 291 -3.13 -18.86 -6.66
C SER A 291 -3.08 -17.89 -7.83
N GLU A 292 -1.97 -17.92 -8.58
CA GLU A 292 -1.87 -17.12 -9.80
C GLU A 292 -2.62 -17.85 -10.93
N PHE A 293 -3.03 -17.11 -11.95
CA PHE A 293 -3.62 -17.72 -13.14
C PHE A 293 -2.55 -17.86 -14.23
N GLU A 294 -2.36 -19.06 -14.75
CA GLU A 294 -1.34 -19.31 -15.78
C GLU A 294 -1.66 -18.57 -17.09
N ASN A 295 -0.70 -17.77 -17.56
CA ASN A 295 -0.87 -16.99 -18.79
C ASN A 295 -2.03 -15.99 -18.68
N ARG A 296 -2.12 -15.37 -17.53
CA ARG A 296 -3.19 -14.40 -17.25
C ARG A 296 -3.26 -13.30 -18.29
N ASP A 297 -2.12 -12.84 -18.80
CA ASP A 297 -2.11 -11.68 -19.69
C ASP A 297 -2.72 -11.96 -21.08
N LYS A 298 -2.86 -13.24 -21.42
CA LYS A 298 -3.61 -13.63 -22.61
C LYS A 298 -5.08 -13.20 -22.50
N MSE A 299 -5.59 -13.03 -21.28
CA MSE A 299 -6.95 -12.57 -21.11
C MSE A 299 -7.16 -11.20 -21.76
O MSE A 299 -8.23 -10.91 -22.29
CB MSE A 299 -7.32 -12.50 -19.63
CG MSE A 299 -7.37 -13.86 -18.96
SE MSE A 299 -7.82 -13.70 -17.06
CE MSE A 299 -8.41 -15.55 -16.70
H MSE A 299 -5.17 -13.19 -20.55
HA MSE A 299 -7.56 -13.20 -21.54
HB2 MSE A 299 -6.66 -11.96 -19.16
HB3 MSE A 299 -8.19 -12.09 -19.54
HG2 MSE A 299 -8.05 -14.40 -19.40
HG3 MSE A 299 -6.50 -14.28 -19.03
HE1 MSE A 299 -8.67 -15.62 -15.77
HE2 MSE A 299 -9.16 -15.76 -17.26
HE3 MSE A 299 -7.69 -16.15 -16.87
N LEU A 300 -6.13 -10.34 -21.72
CA LEU A 300 -6.27 -8.98 -22.21
C LEU A 300 -6.62 -8.99 -23.68
N GLU A 301 -5.92 -9.84 -24.42
CA GLU A 301 -6.13 -9.99 -25.85
C GLU A 301 -7.55 -10.45 -26.14
N MSE A 302 -7.99 -11.44 -25.36
CA MSE A 302 -9.24 -12.15 -25.65
C MSE A 302 -10.46 -11.25 -25.42
O MSE A 302 -11.49 -11.42 -26.04
CB MSE A 302 -9.35 -13.40 -24.77
CG MSE A 302 -8.25 -14.43 -25.03
SE MSE A 302 -8.13 -15.76 -23.59
CE MSE A 302 -9.78 -16.74 -23.91
H MSE A 302 -7.59 -11.72 -24.66
HA MSE A 302 -9.24 -12.43 -26.58
HB2 MSE A 302 -9.29 -13.12 -23.84
HB3 MSE A 302 -10.21 -13.82 -24.94
HG2 MSE A 302 -8.45 -14.90 -25.85
HG3 MSE A 302 -7.40 -13.98 -25.10
HE1 MSE A 302 -9.85 -17.44 -23.26
HE2 MSE A 302 -10.52 -16.13 -23.82
HE3 MSE A 302 -9.75 -17.11 -24.80
N VAL A 303 -10.29 -10.27 -24.54
CA VAL A 303 -11.37 -9.44 -24.01
C VAL A 303 -11.59 -8.16 -24.84
N LYS A 304 -10.56 -7.75 -25.57
CA LYS A 304 -10.60 -6.51 -26.34
C LYS A 304 -11.83 -6.38 -27.26
N PRO A 305 -12.09 -7.38 -28.08
CA PRO A 305 -13.22 -7.26 -29.02
C PRO A 305 -14.54 -6.97 -28.31
N VAL A 306 -14.75 -7.66 -27.19
CA VAL A 306 -15.97 -7.50 -26.42
C VAL A 306 -16.06 -6.09 -25.86
N GLN A 307 -14.94 -5.58 -25.34
CA GLN A 307 -14.90 -4.22 -24.81
C GLN A 307 -15.20 -3.20 -25.89
N ASP A 308 -14.52 -3.36 -27.03
CA ASP A 308 -14.67 -2.42 -28.15
C ASP A 308 -16.12 -2.41 -28.64
N ALA A 309 -16.70 -3.61 -28.72
CA ALA A 309 -18.04 -3.78 -29.26
C ALA A 309 -19.09 -3.13 -28.35
N TYR A 310 -18.90 -3.28 -27.05
CA TYR A 310 -19.79 -2.70 -26.06
C TYR A 310 -19.71 -1.19 -26.14
N ALA A 311 -18.50 -0.62 -26.14
CA ALA A 311 -18.38 0.83 -26.25
C ALA A 311 -18.99 1.37 -27.55
N ALA A 312 -18.86 0.62 -28.64
CA ALA A 312 -19.42 1.06 -29.91
C ALA A 312 -20.95 1.06 -29.84
N GLU A 313 -21.50 0.04 -29.18
CA GLU A 313 -22.95 -0.08 -29.07
C GLU A 313 -23.57 1.08 -28.32
N ILE A 314 -22.90 1.56 -27.28
CA ILE A 314 -23.44 2.65 -26.47
C ILE A 314 -22.95 4.03 -26.93
N GLY A 315 -22.22 4.08 -28.05
CA GLY A 315 -21.69 5.32 -28.58
C GLY A 315 -20.64 5.97 -27.71
N ALA A 316 -19.83 5.15 -27.06
CA ALA A 316 -18.79 5.62 -26.15
C ALA A 316 -17.39 5.22 -26.61
N SER A 317 -17.19 5.01 -27.90
CA SER A 317 -15.88 4.60 -28.40
C SER A 317 -14.81 5.65 -28.08
N ASP A 318 -15.14 6.92 -28.23
CA ASP A 318 -14.18 7.98 -27.96
C ASP A 318 -13.82 8.03 -26.47
N LEU A 319 -14.82 7.82 -25.62
CA LEU A 319 -14.62 7.82 -24.18
C LEU A 319 -13.74 6.64 -23.77
N LEU A 320 -14.01 5.45 -24.31
CA LEU A 320 -13.14 4.31 -24.03
C LEU A 320 -11.69 4.56 -24.47
N GLU A 321 -11.48 5.03 -25.69
CA GLU A 321 -10.13 5.23 -26.23
C GLU A 321 -9.30 6.13 -25.33
N ALA A 322 -9.98 7.12 -24.74
CA ALA A 322 -9.34 8.05 -23.85
C ALA A 322 -8.81 7.35 -22.60
N VAL A 323 -9.71 6.61 -21.97
CA VAL A 323 -9.37 5.90 -20.76
C VAL A 323 -8.15 5.02 -20.98
N ARG A 324 -8.05 4.38 -22.14
CA ARG A 324 -6.95 3.44 -22.36
C ARG A 324 -5.62 4.17 -22.55
N THR B 25 36.54 -21.79 14.14
CA THR B 25 36.00 -20.71 13.32
C THR B 25 35.93 -19.38 14.09
N VAL B 26 36.55 -18.35 13.53
CA VAL B 26 36.50 -17.01 14.12
C VAL B 26 35.77 -16.06 13.19
N LEU B 27 34.78 -15.35 13.72
CA LEU B 27 33.98 -14.42 12.91
C LEU B 27 34.18 -13.01 13.41
N ARG B 28 34.55 -12.12 12.51
CA ARG B 28 34.84 -10.73 12.83
C ARG B 28 33.67 -9.86 12.46
N GLY B 29 33.20 -9.05 13.41
CA GLY B 29 32.06 -8.19 13.16
C GLY B 29 32.49 -6.75 13.22
N ALA B 30 31.64 -5.87 12.71
CA ALA B 30 31.86 -4.43 12.83
C ALA B 30 30.55 -3.72 13.16
N SER B 31 30.66 -2.70 14.01
CA SER B 31 29.55 -1.79 14.27
C SER B 31 30.10 -0.37 14.32
N MSE B 32 29.34 0.58 13.82
CA MSE B 32 29.70 1.99 13.95
C MSE B 32 29.48 2.56 15.36
O MSE B 32 30.00 3.64 15.69
CB MSE B 32 28.86 2.81 12.97
CG MSE B 32 29.13 2.44 11.53
SE MSE B 32 28.38 3.78 10.32
CE MSE B 32 26.47 3.36 10.59
H MSE B 32 28.60 0.44 13.40
HA MSE B 32 30.64 2.11 13.70
HB2 MSE B 32 27.92 2.66 13.16
HB3 MSE B 32 29.08 3.75 13.09
HG2 MSE B 32 30.09 2.39 11.37
HG3 MSE B 32 28.71 1.58 11.34
HE1 MSE B 32 25.94 3.95 10.06
HE2 MSE B 32 26.31 2.45 10.34
HE3 MSE B 32 26.25 3.48 11.52
N PHE B 33 28.72 1.84 16.18
CA PHE B 33 28.18 2.36 17.45
C PHE B 33 28.75 1.66 18.66
N ASP B 34 28.51 2.23 19.84
CA ASP B 34 28.87 1.60 21.11
C ASP B 34 27.83 0.54 21.50
N GLU B 35 27.86 0.02 22.73
CA GLU B 35 26.99 -1.11 23.06
C GLU B 35 25.53 -0.71 23.25
N GLU B 36 25.25 0.60 23.28
CA GLU B 36 23.90 1.08 23.59
C GLU B 36 22.99 1.20 22.38
N HIS B 37 23.54 1.09 21.19
CA HIS B 37 22.73 1.24 19.98
C HIS B 37 22.15 -0.10 19.54
N ALA B 38 20.90 -0.06 19.07
CA ALA B 38 20.20 -1.24 18.59
C ALA B 38 21.00 -2.14 17.60
N PHE B 39 21.75 -1.56 16.68
CA PHE B 39 22.59 -2.37 15.78
C PHE B 39 23.64 -3.22 16.52
N THR B 40 24.34 -2.61 17.48
CA THR B 40 25.32 -3.37 18.27
C THR B 40 24.63 -4.44 19.09
N LYS B 41 23.51 -4.09 19.71
CA LYS B 41 22.71 -5.05 20.45
C LYS B 41 22.22 -6.21 19.56
N THR B 42 21.85 -5.89 18.32
CA THR B 42 21.42 -6.89 17.33
C THR B 42 22.59 -7.84 17.03
N LEU B 43 23.78 -7.26 16.78
CA LEU B 43 24.96 -8.08 16.53
C LEU B 43 25.39 -8.91 17.75
N ARG B 44 25.22 -8.37 18.96
CA ARG B 44 25.50 -9.16 20.16
C ARG B 44 24.49 -10.30 20.29
N LYS B 45 23.24 -10.03 19.90
CA LYS B 45 22.19 -11.02 19.97
C LYS B 45 22.47 -12.15 18.97
N PHE B 46 22.85 -11.78 17.76
CA PHE B 46 23.29 -12.75 16.75
C PHE B 46 24.39 -13.67 17.29
N GLU B 47 25.43 -13.06 17.83
CA GLU B 47 26.54 -13.77 18.48
C GLU B 47 26.05 -14.74 19.57
N GLU B 48 25.15 -14.26 20.44
CA GLU B 48 24.64 -15.08 21.53
C GLU B 48 23.85 -16.28 21.00
N LEU B 49 23.02 -16.04 19.99
CA LEU B 49 22.18 -17.08 19.43
C LEU B 49 22.96 -18.14 18.66
N VAL B 50 24.01 -17.74 17.94
CA VAL B 50 24.90 -18.72 17.33
C VAL B 50 25.53 -19.59 18.42
N ASP B 51 26.05 -18.95 19.47
CA ASP B 51 26.70 -19.67 20.58
C ASP B 51 25.74 -20.65 21.23
N GLU B 52 24.47 -20.27 21.24
CA GLU B 52 23.42 -21.08 21.83
C GLU B 52 23.12 -22.30 20.97
N LYS B 53 23.09 -22.09 19.66
CA LYS B 53 22.57 -23.08 18.71
C LYS B 53 23.61 -24.02 18.12
N TYR B 54 24.88 -23.63 18.13
CA TYR B 54 25.93 -24.37 17.45
C TYR B 54 26.62 -25.34 18.40
N ASP B 55 26.91 -26.54 17.92
CA ASP B 55 27.58 -27.56 18.73
C ASP B 55 29.10 -27.36 18.74
N GLY B 56 29.64 -26.88 17.62
CA GLY B 56 31.07 -26.69 17.49
C GLY B 56 31.59 -25.49 18.25
N ASP B 57 32.84 -25.11 17.94
CA ASP B 57 33.46 -23.96 18.58
C ASP B 57 33.52 -22.81 17.58
N VAL B 58 33.00 -21.67 17.98
CA VAL B 58 33.01 -20.49 17.13
C VAL B 58 33.32 -19.29 18.03
N THR B 59 34.24 -18.44 17.60
CA THR B 59 34.62 -17.28 18.38
C THR B 59 34.19 -16.02 17.61
N PHE B 60 33.74 -15.00 18.34
CA PHE B 60 33.32 -13.73 17.74
C PHE B 60 34.22 -12.61 18.22
N ASP B 61 34.55 -11.71 17.30
CA ASP B 61 35.33 -10.53 17.62
C ASP B 61 34.65 -9.33 16.97
N LEU B 62 33.87 -8.61 17.77
CA LEU B 62 33.10 -7.49 17.27
C LEU B 62 33.88 -6.19 17.49
N ARG B 63 34.20 -5.52 16.38
CA ARG B 63 34.95 -4.26 16.40
C ARG B 63 33.95 -3.11 16.33
N LEU B 64 33.68 -2.49 17.47
CA LEU B 64 32.64 -1.50 17.49
C LEU B 64 33.17 -0.08 17.53
N ASN B 65 32.28 0.87 17.76
CA ASN B 65 32.64 2.28 17.79
C ASN B 65 33.23 2.82 16.49
N GLY B 66 32.97 2.16 15.36
CA GLY B 66 33.46 2.65 14.09
C GLY B 66 34.96 2.53 13.97
N GLU B 67 35.54 1.58 14.68
CA GLU B 67 36.99 1.44 14.65
C GLU B 67 37.51 1.02 13.27
N LEU B 68 36.67 0.38 12.46
CA LEU B 68 37.05 0.00 11.10
C LEU B 68 36.40 0.89 10.05
N GLY B 69 35.75 1.95 10.49
CA GLY B 69 35.18 2.92 9.59
C GLY B 69 33.67 2.94 9.66
N VAL B 70 33.08 3.29 8.54
CA VAL B 70 31.64 3.38 8.41
C VAL B 70 31.13 2.40 7.35
N GLU B 71 29.81 2.34 7.15
CA GLU B 71 29.24 1.34 6.26
C GLU B 71 29.81 1.37 4.86
N SER B 72 30.13 2.55 4.34
CA SER B 72 30.73 2.62 3.01
C SER B 72 32.09 1.91 2.95
N ASP B 73 32.82 1.84 4.06
CA ASP B 73 34.01 1.01 4.16
C ASP B 73 33.65 -0.46 4.30
N TYR B 74 32.71 -0.76 5.20
CA TYR B 74 32.34 -2.14 5.47
C TYR B 74 31.87 -2.91 4.25
N VAL B 75 31.03 -2.29 3.42
CA VAL B 75 30.52 -2.99 2.26
C VAL B 75 31.64 -3.44 1.34
N THR B 76 32.68 -2.61 1.19
CA THR B 76 33.81 -2.96 0.34
C THR B 76 34.65 -4.08 0.93
N PHE B 77 34.87 -4.02 2.24
CA PHE B 77 35.54 -5.11 2.96
C PHE B 77 34.81 -6.44 2.74
N LEU B 78 33.49 -6.44 2.91
CA LEU B 78 32.69 -7.65 2.69
C LEU B 78 32.77 -8.17 1.25
N ASN B 79 32.64 -7.25 0.30
CA ASN B 79 32.72 -7.60 -1.09
C ASN B 79 34.07 -8.26 -1.43
N GLN B 80 35.14 -7.74 -0.83
CA GLN B 80 36.47 -8.32 -1.03
C GLN B 80 36.70 -9.62 -0.23
N GLY B 81 35.91 -9.83 0.82
CA GLY B 81 36.07 -11.01 1.65
C GLY B 81 37.23 -10.90 2.63
N VAL B 82 37.50 -9.67 3.08
CA VAL B 82 38.55 -9.45 4.07
C VAL B 82 38.09 -8.55 5.20
N ALA B 83 38.87 -8.58 6.29
CA ALA B 83 38.74 -7.66 7.44
C ALA B 83 37.53 -7.90 8.35
N ILE B 84 36.36 -7.98 7.74
CA ILE B 84 35.06 -8.08 8.41
C ILE B 84 34.29 -9.26 7.79
N ASP B 85 33.69 -10.09 8.63
CA ASP B 85 32.84 -11.19 8.17
C ASP B 85 31.35 -10.87 8.26
N TYR B 86 30.94 -10.10 9.27
CA TYR B 86 29.53 -9.78 9.42
C TYR B 86 29.32 -8.37 9.98
N THR B 87 28.21 -7.75 9.59
CA THR B 87 27.83 -6.43 10.06
C THR B 87 26.36 -6.22 9.67
N ILE B 88 25.93 -4.95 9.75
CA ILE B 88 24.64 -4.51 9.30
C ILE B 88 24.88 -3.37 8.31
N LEU B 89 24.11 -3.30 7.22
CA LEU B 89 24.29 -2.25 6.22
C LEU B 89 22.94 -1.69 5.75
N ALA B 90 22.92 -0.39 5.48
CA ALA B 90 21.78 0.24 4.82
C ALA B 90 21.83 -0.04 3.33
N PRO B 91 20.69 -0.39 2.75
CA PRO B 91 20.60 -0.60 1.30
C PRO B 91 21.17 0.59 0.52
N SER B 92 20.94 1.83 0.96
CA SER B 92 21.42 2.98 0.22
C SER B 92 22.89 3.30 0.43
N ASN B 93 23.57 2.46 1.21
CA ASN B 93 25.04 2.47 1.27
C ASN B 93 25.68 1.32 0.49
N MSE B 94 24.86 0.53 -0.22
CA MSE B 94 25.34 -0.62 -1.02
C MSE B 94 25.18 -0.49 -2.53
O MSE B 94 25.40 -1.47 -3.26
CB MSE B 94 24.61 -1.90 -0.59
CG MSE B 94 24.68 -2.25 0.84
SE MSE B 94 24.08 -4.08 1.22
CE MSE B 94 22.40 -3.75 2.12
H MSE B 94 24.00 0.63 -0.25
HA MSE B 94 26.30 -0.75 -0.82
HB2 MSE B 94 23.67 -1.80 -0.82
HB3 MSE B 94 24.98 -2.65 -1.09
HG2 MSE B 94 25.61 -2.18 1.13
HG3 MSE B 94 24.12 -1.64 1.34
HE1 MSE B 94 22.01 -4.59 2.35
HE2 MSE B 94 22.56 -3.23 2.91
HE3 MSE B 94 21.82 -3.27 1.51
N ALA B 95 24.79 0.67 -3.02
CA ALA B 95 24.38 0.81 -4.43
C ALA B 95 25.49 0.58 -5.42
N LYS B 96 26.73 0.81 -5.01
CA LYS B 96 27.83 0.59 -5.94
C LYS B 96 27.96 -0.87 -6.37
N PHE B 97 27.54 -1.76 -5.50
CA PHE B 97 27.74 -3.18 -5.68
C PHE B 97 26.48 -3.89 -6.14
N ALA B 98 25.33 -3.31 -5.80
CA ALA B 98 24.04 -3.89 -6.10
C ALA B 98 23.04 -2.74 -6.33
N PRO B 99 22.94 -2.26 -7.56
CA PRO B 99 22.19 -1.04 -7.85
C PRO B 99 20.68 -1.14 -7.61
N SER B 100 20.14 -2.36 -7.53
CA SER B 100 18.73 -2.54 -7.22
C SER B 100 18.44 -2.55 -5.73
N ILE B 101 19.45 -2.80 -4.91
CA ILE B 101 19.21 -2.97 -3.49
C ILE B 101 18.62 -1.76 -2.75
N PRO B 102 18.94 -0.53 -3.19
CA PRO B 102 18.29 0.62 -2.51
C PRO B 102 16.76 0.62 -2.61
N LEU B 103 16.20 -0.10 -3.57
CA LEU B 103 14.74 -0.22 -3.63
C LEU B 103 14.15 -0.69 -2.31
N MSE B 104 14.91 -1.51 -1.59
CA MSE B 104 14.46 -2.21 -0.39
C MSE B 104 13.84 -1.31 0.69
O MSE B 104 12.89 -1.70 1.37
CB MSE B 104 15.67 -2.96 0.20
CG MSE B 104 15.39 -3.86 1.33
SE MSE B 104 16.94 -4.97 1.68
CE MSE B 104 16.70 -6.44 0.47
H MSE B 104 15.74 -1.68 -1.79
HA MSE B 104 13.80 -2.89 -0.64
HB2 MSE B 104 16.07 -3.49 -0.51
HB3 MSE B 104 16.32 -2.30 0.51
HG2 MSE B 104 15.19 -3.34 2.12
HG3 MSE B 104 14.63 -4.43 1.10
HE1 MSE B 104 17.43 -7.05 0.56
HE2 MSE B 104 15.86 -6.86 0.68
HE3 MSE B 104 16.67 -6.09 -0.43
N ASP B 105 14.38 -0.10 0.87
CA ASP B 105 13.80 0.82 1.84
C ASP B 105 13.95 2.26 1.34
N MSE B 106 13.75 2.44 0.05
CA MSE B 106 13.87 3.80 -0.48
C MSE B 106 12.86 4.74 0.15
O MSE B 106 11.82 4.32 0.67
CB MSE B 106 13.75 3.81 -2.01
CG MSE B 106 12.39 3.53 -2.53
SE MSE B 106 12.19 3.85 -4.46
CE MSE B 106 10.49 2.91 -4.59
H MSE B 106 13.55 1.84 -0.53
HA MSE B 106 14.77 4.14 -0.26
HB2 MSE B 106 14.01 4.69 -2.33
HB3 MSE B 106 14.35 3.14 -2.37
HG2 MSE B 106 12.18 2.60 -2.36
HG3 MSE B 106 11.76 4.11 -2.07
HE1 MSE B 106 10.18 2.94 -5.50
HE2 MSE B 106 10.62 2.00 -4.32
HE3 MSE B 106 9.86 3.34 -4.01
N PRO B 107 13.12 6.04 0.10
CA PRO B 107 12.24 6.98 0.80
C PRO B 107 10.78 6.86 0.34
N PHE B 108 9.88 6.95 1.32
CA PHE B 108 8.43 6.97 1.12
C PHE B 108 7.90 5.66 0.53
N LEU B 109 8.67 4.59 0.62
CA LEU B 109 8.18 3.28 0.21
C LEU B 109 7.08 2.77 1.14
N PHE B 110 7.28 2.92 2.45
CA PHE B 110 6.37 2.32 3.45
C PHE B 110 5.41 3.38 3.98
N ARG B 111 4.16 2.98 4.19
CA ARG B 111 3.10 3.88 4.64
C ARG B 111 3.24 4.07 6.12
N ASP B 112 3.63 2.99 6.79
CA ASP B 112 3.74 2.95 8.24
C ASP B 112 4.39 1.67 8.68
N LEU B 113 4.51 1.46 9.99
CA LEU B 113 5.16 0.29 10.52
C LEU B 113 4.44 -1.00 10.20
N ASP B 114 3.11 -0.98 10.14
CA ASP B 114 2.38 -2.16 9.79
C ASP B 114 2.79 -2.65 8.38
N HIS B 115 2.87 -1.69 7.45
CA HIS B 115 3.22 -1.99 6.05
C HIS B 115 4.64 -2.55 5.98
N TRP B 116 5.55 -1.88 6.67
CA TRP B 116 6.95 -2.30 6.72
C TRP B 116 7.04 -3.73 7.30
N ASN B 117 6.34 -3.98 8.40
CA ASN B 117 6.31 -5.33 8.98
C ASN B 117 5.78 -6.35 8.00
N ALA B 118 4.74 -5.97 7.25
CA ALA B 118 4.13 -6.90 6.30
C ALA B 118 5.11 -7.28 5.20
N VAL B 119 5.91 -6.31 4.80
CA VAL B 119 6.88 -6.52 3.73
C VAL B 119 7.97 -7.47 4.24
N LEU B 120 8.49 -7.23 5.43
CA LEU B 120 9.57 -8.06 5.97
C LEU B 120 9.09 -9.46 6.36
N SER B 121 7.81 -9.57 6.71
CA SER B 121 7.23 -10.90 6.99
C SER B 121 7.01 -11.76 5.76
N SER B 122 6.93 -11.14 4.60
CA SER B 122 6.78 -11.85 3.34
C SER B 122 8.14 -12.21 2.78
N ASP B 123 8.13 -12.86 1.62
CA ASP B 123 9.41 -13.08 0.96
C ASP B 123 9.52 -12.18 -0.25
N VAL B 124 8.83 -11.05 -0.22
CA VAL B 124 8.74 -10.23 -1.43
C VAL B 124 10.11 -9.66 -1.85
N LEU B 125 11.01 -9.46 -0.88
CA LEU B 125 12.31 -8.87 -1.17
C LEU B 125 13.34 -9.88 -1.69
N ALA B 126 12.95 -11.15 -1.82
CA ALA B 126 13.87 -12.20 -2.23
C ALA B 126 14.71 -11.88 -3.48
N PRO B 127 14.10 -11.27 -4.52
CA PRO B 127 14.91 -10.97 -5.70
C PRO B 127 16.06 -10.00 -5.43
N LEU B 128 15.90 -9.09 -4.46
CA LEU B 128 16.94 -8.14 -4.11
C LEU B 128 18.06 -8.85 -3.30
N GLU B 129 17.66 -9.79 -2.42
CA GLU B 129 18.61 -10.66 -1.71
C GLU B 129 19.47 -11.40 -2.69
N ASP B 130 18.83 -11.97 -3.70
CA ASP B 130 19.52 -12.76 -4.70
C ASP B 130 20.52 -11.90 -5.48
N GLU B 131 20.11 -10.71 -5.89
CA GLU B 131 21.04 -9.82 -6.60
C GLU B 131 22.25 -9.49 -5.74
N LEU B 132 22.03 -9.20 -4.46
CA LEU B 132 23.12 -8.81 -3.61
C LEU B 132 24.13 -9.95 -3.49
N LEU B 133 23.66 -11.18 -3.35
CA LEU B 133 24.56 -12.33 -3.24
C LEU B 133 25.28 -12.53 -4.56
N GLU B 134 24.53 -12.48 -5.65
CA GLU B 134 25.08 -12.78 -6.97
C GLU B 134 26.08 -11.73 -7.44
N LYS B 135 25.74 -10.46 -7.26
CA LYS B 135 26.54 -9.36 -7.81
C LYS B 135 27.62 -8.87 -6.86
N ALA B 136 27.34 -8.92 -5.57
CA ALA B 136 28.21 -8.31 -4.55
C ALA B 136 28.87 -9.31 -3.60
N ASP B 137 28.46 -10.58 -3.69
CA ASP B 137 28.96 -11.64 -2.79
C ASP B 137 28.75 -11.28 -1.33
N ILE B 138 27.58 -10.76 -1.05
CA ILE B 138 27.16 -10.43 0.32
C ILE B 138 25.84 -11.17 0.59
N LYS B 139 25.83 -11.95 1.67
CA LYS B 139 24.70 -12.77 2.04
C LYS B 139 23.87 -12.11 3.13
N ILE B 140 22.58 -11.90 2.86
CA ILE B 140 21.68 -11.41 3.92
C ILE B 140 21.26 -12.57 4.80
N VAL B 141 21.52 -12.46 6.10
CA VAL B 141 21.21 -13.54 7.03
C VAL B 141 20.06 -13.18 7.97
N GLY B 142 19.60 -11.93 7.92
CA GLY B 142 18.39 -11.51 8.62
C GLY B 142 18.13 -10.03 8.42
N TYR B 143 17.07 -9.50 9.00
CA TYR B 143 16.72 -8.09 8.86
C TYR B 143 16.48 -7.40 10.19
N THR B 144 17.25 -6.34 10.44
CA THR B 144 16.96 -5.44 11.55
C THR B 144 16.49 -4.10 11.00
N GLY B 145 16.46 -3.05 11.81
CA GLY B 145 15.94 -1.76 11.37
C GLY B 145 14.67 -1.38 12.11
N GLY B 146 13.86 -0.54 11.50
CA GLY B 146 12.61 -0.11 12.10
C GLY B 146 12.66 1.31 12.64
N GLY B 147 13.74 2.04 12.34
CA GLY B 147 13.83 3.42 12.71
C GLY B 147 13.15 4.29 11.67
N THR B 148 12.65 5.44 12.06
CA THR B 148 12.02 6.37 11.10
C THR B 148 12.94 7.57 10.89
N ARG B 149 13.35 7.75 9.63
CA ARG B 149 14.27 8.84 9.29
C ARG B 149 13.51 10.12 9.07
N ASN B 150 14.02 11.19 9.70
CA ASN B 150 13.51 12.53 9.58
C ASN B 150 14.63 13.49 9.24
N LEU B 151 14.28 14.66 8.74
CA LEU B 151 15.24 15.73 8.57
C LEU B 151 15.72 16.21 9.93
N LEU B 152 17.02 16.46 10.03
CA LEU B 152 17.61 17.07 11.22
C LEU B 152 18.52 18.17 10.72
N SER B 153 18.33 19.38 11.24
CA SER B 153 18.96 20.56 10.66
C SER B 153 19.40 21.54 11.75
N LYS B 154 20.33 22.41 11.38
CA LYS B 154 20.78 23.47 12.26
C LYS B 154 19.64 24.43 12.63
N GLN B 155 18.85 24.83 11.64
CA GLN B 155 17.69 25.69 11.86
C GLN B 155 16.41 24.98 11.47
N PRO B 156 15.26 25.52 11.89
CA PRO B 156 14.00 24.86 11.53
C PRO B 156 13.76 24.78 10.03
N VAL B 157 13.27 23.63 9.56
CA VAL B 157 12.82 23.45 8.17
C VAL B 157 11.39 22.90 8.20
N VAL B 158 10.39 23.76 8.06
CA VAL B 158 9.01 23.29 8.23
C VAL B 158 8.07 23.59 7.08
N THR B 159 8.56 24.29 6.07
CA THR B 159 7.77 24.55 4.87
C THR B 159 8.56 24.25 3.61
N PHE B 160 7.86 24.20 2.47
CA PHE B 160 8.56 23.99 1.21
C PHE B 160 9.48 25.17 0.88
N ASP B 161 9.12 26.38 1.33
CA ASP B 161 9.99 27.52 1.14
C ASP B 161 11.31 27.33 1.89
N ASP B 162 11.22 26.74 3.08
CA ASP B 162 12.41 26.41 3.87
C ASP B 162 13.25 25.34 3.17
N LEU B 163 12.56 24.37 2.58
CA LEU B 163 13.22 23.20 2.00
C LEU B 163 13.93 23.54 0.66
N LYS B 164 13.43 24.56 -0.03
CA LYS B 164 13.99 24.99 -1.30
C LYS B 164 15.45 25.38 -1.19
N GLY B 165 16.30 24.66 -1.91
CA GLY B 165 17.73 24.86 -1.86
C GLY B 165 18.42 24.44 -0.57
N HIS B 166 17.69 23.79 0.33
CA HIS B 166 18.25 23.33 1.62
C HIS B 166 19.40 22.35 1.39
N LYS B 167 20.59 22.72 1.87
CA LYS B 167 21.78 21.91 1.66
C LYS B 167 21.83 20.80 2.70
N MSE B 168 21.74 19.57 2.22
CA MSE B 168 21.65 18.43 3.11
C MSE B 168 22.47 17.25 2.62
O MSE B 168 22.62 17.00 1.41
CB MSE B 168 20.20 17.98 3.30
CG MSE B 168 19.47 17.64 2.00
SE MSE B 168 17.62 17.08 2.30
CE MSE B 168 17.87 15.35 3.22
H MSE B 168 21.73 19.37 1.39
HA MSE B 168 22.00 18.69 3.98
HB2 MSE B 168 20.20 17.19 3.86
HB3 MSE B 168 19.71 18.70 3.72
HG2 MSE B 168 19.46 18.42 1.43
HG3 MSE B 168 19.94 16.91 1.56
HE1 MSE B 168 17.02 14.98 3.41
HE2 MSE B 168 18.37 14.76 2.65
HE3 MSE B 168 18.37 15.50 4.03
N ARG B 169 23.02 16.51 3.57
CA ARG B 169 23.67 15.27 3.24
C ARG B 169 22.68 14.13 3.05
N VAL B 170 22.96 13.32 2.02
CA VAL B 170 22.29 12.05 1.78
C VAL B 170 23.32 10.93 1.65
N MSE B 171 22.87 9.69 1.87
CA MSE B 171 23.61 8.49 1.49
C MSE B 171 23.85 8.50 -0.02
O MSE B 171 23.14 9.20 -0.76
CB MSE B 171 22.85 7.22 1.91
CG MSE B 171 22.81 7.00 3.41
SE MSE B 171 21.86 5.39 3.87
CE MSE B 171 20.07 6.13 3.75
H MSE B 171 22.11 9.51 2.24
HA MSE B 171 24.48 8.48 1.95
HB2 MSE B 171 21.93 7.28 1.59
HB3 MSE B 171 23.28 6.44 1.51
HG2 MSE B 171 23.72 6.92 3.73
HG3 MSE B 171 22.36 7.75 3.83
HE1 MSE B 171 19.43 5.44 3.97
HE2 MSE B 171 19.99 6.85 4.38
HE3 MSE B 171 19.92 6.45 2.87
N GLY B 172 24.80 7.70 -0.48
CA GLY B 172 25.25 7.75 -1.86
C GLY B 172 24.35 7.17 -2.94
N ALA B 173 23.43 6.27 -2.57
CA ALA B 173 22.60 5.66 -3.59
C ALA B 173 21.88 6.74 -4.37
N PRO B 174 21.85 6.63 -5.70
CA PRO B 174 21.24 7.70 -6.50
C PRO B 174 19.82 8.05 -6.10
N ILE B 175 19.02 7.09 -5.69
CA ILE B 175 17.65 7.37 -5.33
C ILE B 175 17.53 8.38 -4.18
N GLN B 176 18.49 8.43 -3.28
CA GLN B 176 18.36 9.34 -2.16
C GLN B 176 18.40 10.79 -2.65
N ALA B 177 19.43 11.14 -3.40
CA ALA B 177 19.50 12.49 -3.95
C ALA B 177 18.32 12.77 -4.86
N GLN B 178 17.90 11.77 -5.64
CA GLN B 178 16.81 11.99 -6.58
C GLN B 178 15.51 12.39 -5.84
N ILE B 179 15.22 11.70 -4.75
CA ILE B 179 14.05 12.01 -3.93
C ILE B 179 14.15 13.43 -3.38
N PHE B 180 15.28 13.76 -2.78
CA PHE B 180 15.38 15.04 -2.12
C PHE B 180 15.50 16.22 -3.11
N GLN B 181 16.07 15.97 -4.28
CA GLN B 181 16.04 16.96 -5.36
C GLN B 181 14.60 17.23 -5.83
N ALA B 182 13.81 16.17 -5.96
CA ALA B 182 12.40 16.31 -6.34
C ALA B 182 11.58 17.08 -5.29
N LEU B 183 12.03 17.04 -4.04
CA LEU B 183 11.44 17.85 -2.98
C LEU B 183 11.97 19.29 -2.92
N THR B 184 12.88 19.61 -3.85
CA THR B 184 13.48 20.95 -4.10
C THR B 184 14.69 21.29 -3.21
N ALA B 185 15.11 20.34 -2.37
CA ALA B 185 16.33 20.49 -1.59
C ALA B 185 17.61 20.35 -2.46
N ALA B 186 18.76 20.60 -1.83
CA ALA B 186 20.07 20.50 -2.49
C ALA B 186 20.89 19.41 -1.83
N PRO B 187 20.67 18.16 -2.23
CA PRO B 187 21.35 17.06 -1.56
C PRO B 187 22.78 16.91 -2.02
N SER B 188 23.63 16.39 -1.13
CA SER B 188 25.03 16.15 -1.41
C SER B 188 25.45 14.87 -0.70
N ALA B 189 26.20 14.02 -1.39
CA ALA B 189 26.69 12.78 -0.78
C ALA B 189 28.00 13.03 0.00
N ILE B 190 27.89 13.01 1.33
CA ILE B 190 28.99 13.24 2.26
C ILE B 190 29.05 12.04 3.21
N ALA B 191 30.27 11.58 3.50
CA ALA B 191 30.51 10.44 4.36
C ALA B 191 29.85 10.63 5.73
N TYR B 192 29.31 9.56 6.26
CA TYR B 192 28.55 9.64 7.52
C TYR B 192 29.41 10.17 8.65
N ASN B 193 30.68 9.80 8.68
CA ASN B 193 31.56 10.28 9.74
C ASN B 193 32.09 11.69 9.49
N GLU B 194 31.60 12.35 8.45
CA GLU B 194 31.95 13.74 8.18
C GLU B 194 30.75 14.69 8.25
N VAL B 195 29.56 14.15 8.50
CA VAL B 195 28.35 14.96 8.57
C VAL B 195 28.40 16.01 9.68
N TYR B 196 28.80 15.61 10.87
CA TYR B 196 28.79 16.47 12.04
C TYR B 196 29.63 17.71 11.75
N ASN B 197 30.84 17.50 11.27
CA ASN B 197 31.71 18.62 10.94
C ASN B 197 31.24 19.43 9.73
N ALA B 198 30.66 18.77 8.73
CA ALA B 198 30.15 19.50 7.58
C ALA B 198 29.06 20.48 8.01
N ILE B 199 28.27 20.08 8.99
CA ILE B 199 27.27 20.98 9.53
C ILE B 199 27.94 22.12 10.31
N GLN B 200 28.90 21.77 11.17
CA GLN B 200 29.63 22.77 11.96
C GLN B 200 30.18 23.88 11.06
N THR B 201 30.75 23.48 9.92
CA THR B 201 31.44 24.42 9.04
C THR B 201 30.51 25.11 8.03
N GLY B 202 29.26 24.67 7.96
CA GLY B 202 28.28 25.29 7.09
C GLY B 202 28.25 24.78 5.65
N VAL B 203 28.98 23.71 5.39
CA VAL B 203 28.96 23.09 4.05
C VAL B 203 27.54 22.58 3.77
N ILE B 204 26.93 21.99 4.80
CA ILE B 204 25.52 21.60 4.78
C ILE B 204 24.77 22.21 5.96
N ALA B 205 23.45 22.29 5.82
CA ALA B 205 22.58 22.82 6.87
C ALA B 205 21.91 21.70 7.65
N GLY B 206 22.01 20.48 7.16
CA GLY B 206 21.33 19.37 7.80
C GLY B 206 21.57 18.06 7.09
N PHE B 207 20.89 17.02 7.58
CA PHE B 207 20.91 15.70 6.97
C PHE B 207 19.63 15.00 7.39
N GLU B 208 19.61 13.68 7.36
CA GLU B 208 18.39 12.96 7.74
C GLU B 208 18.79 11.63 8.35
N ASN B 209 18.05 11.22 9.39
CA ASN B 209 18.43 10.04 10.16
C ASN B 209 17.30 9.71 11.11
N GLU B 210 17.35 8.48 11.64
CA GLU B 210 16.40 7.99 12.61
C GLU B 210 16.82 8.31 14.05
N ALA B 211 15.91 8.10 14.99
CA ALA B 211 16.12 8.54 16.35
C ALA B 211 17.33 7.93 17.06
N ALA B 212 17.50 6.61 16.94
CA ALA B 212 18.46 5.89 17.76
C ALA B 212 19.88 6.33 17.42
N SER B 213 20.16 6.52 16.14
CA SER B 213 21.49 6.99 15.73
C SER B 213 21.70 8.48 16.00
N ILE B 214 20.69 9.32 15.85
CA ILE B 214 20.81 10.72 16.25
C ILE B 214 21.18 10.81 17.75
N GLN B 215 20.52 10.01 18.59
CA GLN B 215 20.72 10.13 20.03
C GLN B 215 22.09 9.55 20.37
N ASN B 216 22.40 8.39 19.80
CA ASN B 216 23.62 7.66 20.19
C ASN B 216 24.89 8.42 19.82
N LEU B 217 24.86 9.04 18.66
CA LEU B 217 26.04 9.77 18.15
C LEU B 217 25.98 11.26 18.42
N LYS B 218 24.91 11.68 19.09
CA LYS B 218 24.77 13.05 19.58
C LYS B 218 24.76 14.11 18.48
N PHE B 219 24.16 13.76 17.34
CA PHE B 219 24.07 14.71 16.25
C PHE B 219 23.20 15.92 16.61
N TYR B 220 22.32 15.77 17.59
CA TYR B 220 21.53 16.92 18.04
C TYR B 220 22.38 18.11 18.49
N GLU B 221 23.65 17.85 18.82
CA GLU B 221 24.56 18.89 19.27
C GLU B 221 24.80 19.99 18.24
N VAL B 222 24.80 19.61 16.96
CA VAL B 222 25.01 20.56 15.87
C VAL B 222 23.75 20.79 15.03
N ALA B 223 22.79 19.88 15.16
CA ALA B 223 21.55 19.94 14.38
C ALA B 223 20.36 19.67 15.30
N PRO B 224 19.93 20.71 16.03
CA PRO B 224 18.92 20.50 17.08
C PRO B 224 17.46 20.66 16.61
N ASN B 225 17.25 20.76 15.31
CA ASN B 225 15.89 20.92 14.77
C ASN B 225 15.47 19.77 13.88
N LEU B 226 14.50 19.01 14.36
CA LEU B 226 14.02 17.83 13.65
C LEU B 226 12.67 18.14 13.01
N THR B 227 12.51 17.74 11.76
CA THR B 227 11.26 17.89 11.04
C THR B 227 10.68 16.52 10.73
N LEU B 228 9.41 16.34 11.10
CA LEU B 228 8.74 15.04 10.98
C LEU B 228 8.29 14.71 9.56
N THR B 229 9.26 14.62 8.67
CA THR B 229 9.02 14.21 7.29
C THR B 229 8.73 12.70 7.26
N ARG B 230 9.24 11.96 8.25
CA ARG B 230 9.04 10.51 8.34
C ARG B 230 9.14 9.88 6.94
N HIS B 231 10.26 10.14 6.28
CA HIS B 231 10.39 9.81 4.86
C HIS B 231 11.00 8.44 4.59
N SER B 232 11.52 7.76 5.62
CA SER B 232 11.99 6.40 5.48
C SER B 232 11.73 5.63 6.76
N ILE B 233 11.34 4.37 6.62
CA ILE B 233 11.39 3.42 7.72
C ILE B 233 12.46 2.44 7.32
N THR B 234 13.44 2.23 8.19
CA THR B 234 14.67 1.59 7.75
C THR B 234 14.53 0.08 7.69
N VAL B 235 15.12 -0.49 6.64
CA VAL B 235 15.35 -1.93 6.51
C VAL B 235 16.84 -2.14 6.53
N ARG B 236 17.35 -2.89 7.50
CA ARG B 236 18.80 -2.97 7.75
C ARG B 236 19.23 -4.44 7.79
N PRO B 237 19.57 -4.96 6.62
CA PRO B 237 20.04 -6.35 6.61
C PRO B 237 21.27 -6.58 7.49
N ILE B 238 21.20 -7.69 8.21
CA ILE B 238 22.38 -8.30 8.84
C ILE B 238 23.01 -9.11 7.75
N VAL B 239 24.28 -8.82 7.48
CA VAL B 239 24.96 -9.41 6.34
C VAL B 239 26.23 -10.13 6.74
N MSE B 240 26.59 -11.14 5.95
CA MSE B 240 27.86 -11.82 6.10
C MSE B 240 28.50 -11.90 4.72
O MSE B 240 27.81 -12.01 3.72
CB MSE B 240 27.67 -13.22 6.69
CG MSE B 240 28.97 -13.99 6.87
SE MSE B 240 28.70 -15.63 7.91
CE MSE B 240 28.24 -14.80 9.58
H MSE B 240 26.10 -11.44 5.32
HA MSE B 240 28.44 -11.30 6.70
HB2 MSE B 240 27.25 -13.15 7.57
HB3 MSE B 240 27.10 -13.74 6.11
HG2 MSE B 240 29.32 -14.24 6.00
HG3 MSE B 240 29.62 -13.43 7.33
HE1 MSE B 240 28.06 -15.48 10.23
HE2 MSE B 240 28.97 -14.25 9.86
HE3 MSE B 240 27.45 -14.26 9.45
N SER B 241 29.83 -11.81 4.64
CA SER B 241 30.45 -11.97 3.34
C SER B 241 30.10 -13.36 2.78
N GLY B 242 29.81 -13.39 1.49
CA GLY B 242 29.61 -14.64 0.81
C GLY B 242 30.81 -15.56 0.97
N LYS B 243 32.01 -15.00 0.81
CA LYS B 243 33.23 -15.79 0.97
C LYS B 243 33.23 -16.54 2.31
N THR B 244 32.98 -15.83 3.39
CA THR B 244 33.04 -16.45 4.70
C THR B 244 31.86 -17.39 4.93
N PHE B 245 30.66 -16.97 4.55
CA PHE B 245 29.47 -17.79 4.77
C PHE B 245 29.61 -19.15 4.08
N ASN B 246 30.02 -19.11 2.81
CA ASN B 246 30.17 -20.33 2.05
C ASN B 246 31.29 -21.25 2.57
N SER B 247 32.23 -20.68 3.32
CA SER B 247 33.34 -21.46 3.88
C SER B 247 32.95 -22.22 5.15
N LEU B 248 31.79 -21.89 5.71
CA LEU B 248 31.38 -22.50 6.97
C LEU B 248 30.80 -23.89 6.74
N PRO B 249 30.99 -24.80 7.70
CA PRO B 249 30.32 -26.09 7.60
C PRO B 249 28.81 -25.93 7.45
N ALA B 250 28.18 -26.88 6.76
CA ALA B 250 26.77 -26.80 6.44
C ALA B 250 25.90 -26.57 7.68
N ASP B 251 26.22 -27.21 8.80
CA ASP B 251 25.42 -27.05 10.00
C ASP B 251 25.53 -25.63 10.55
N LEU B 252 26.73 -25.05 10.52
CA LEU B 252 26.93 -23.68 10.97
C LEU B 252 26.24 -22.66 10.05
N GLN B 253 26.25 -22.91 8.75
CA GLN B 253 25.47 -22.08 7.82
C GLN B 253 24.00 -21.99 8.25
N ALA B 254 23.39 -23.14 8.57
CA ALA B 254 21.99 -23.18 8.95
C ALA B 254 21.77 -22.44 10.27
N VAL B 255 22.69 -22.61 11.20
CA VAL B 255 22.62 -21.91 12.48
C VAL B 255 22.72 -20.40 12.29
N VAL B 256 23.64 -19.97 11.42
CA VAL B 256 23.80 -18.56 11.09
C VAL B 256 22.52 -17.95 10.54
N LEU B 257 21.83 -18.69 9.68
CA LEU B 257 20.59 -18.20 9.12
C LEU B 257 19.48 -18.13 10.17
N GLU B 258 19.39 -19.10 11.09
CA GLU B 258 18.31 -19.02 12.08
C GLU B 258 18.68 -17.97 13.14
N ALA B 259 19.94 -17.89 13.52
CA ALA B 259 20.36 -16.85 14.45
C ALA B 259 20.19 -15.45 13.84
N GLY B 260 20.46 -15.31 12.55
CA GLY B 260 20.28 -14.04 11.89
C GLY B 260 18.82 -13.61 11.86
N GLU B 261 17.94 -14.57 11.56
CA GLU B 261 16.53 -14.28 11.43
C GLU B 261 15.98 -13.83 12.77
N GLU B 262 16.36 -14.55 13.83
CA GLU B 262 15.91 -14.25 15.18
C GLU B 262 16.52 -12.97 15.74
N ALA B 263 17.81 -12.74 15.48
CA ALA B 263 18.48 -11.50 15.92
C ALA B 263 17.84 -10.31 15.23
N GLY B 264 17.51 -10.48 13.96
CA GLY B 264 16.83 -9.43 13.20
C GLY B 264 15.47 -9.08 13.78
N ALA B 265 14.66 -10.08 14.06
CA ALA B 265 13.37 -9.83 14.67
C ALA B 265 13.52 -9.13 16.03
N TYR B 266 14.52 -9.54 16.81
CA TYR B 266 14.84 -8.87 18.09
C TYR B 266 15.14 -7.38 17.87
N GLY B 267 16.02 -7.11 16.91
CA GLY B 267 16.48 -5.76 16.71
C GLY B 267 15.44 -4.83 16.11
N ARG B 268 14.60 -5.40 15.25
CA ARG B 268 13.49 -4.66 14.65
C ARG B 268 12.44 -4.28 15.67
N GLU B 269 12.10 -5.23 16.53
CA GLU B 269 11.15 -4.99 17.59
C GLU B 269 11.66 -3.87 18.50
N LEU B 270 12.93 -3.98 18.87
CA LEU B 270 13.57 -3.01 19.73
C LEU B 270 13.59 -1.62 19.12
N GLU B 271 14.15 -1.48 17.92
CA GLU B 271 14.34 -0.15 17.38
C GLU B 271 12.98 0.51 17.06
N SER B 272 12.06 -0.23 16.47
CA SER B 272 10.75 0.34 16.15
C SER B 272 9.94 0.72 17.40
N ARG B 273 10.07 -0.04 18.48
CA ARG B 273 9.44 0.33 19.75
C ARG B 273 10.06 1.57 20.38
N GLU B 274 11.38 1.73 20.26
CA GLU B 274 12.08 2.80 20.97
C GLU B 274 12.14 4.12 20.20
N ASP B 275 11.84 4.11 18.92
CA ASP B 275 12.14 5.28 18.08
C ASP B 275 11.42 6.55 18.60
N GLY B 276 10.11 6.49 18.74
CA GLY B 276 9.37 7.64 19.22
C GLY B 276 9.72 8.00 20.66
N VAL B 277 10.08 6.99 21.45
CA VAL B 277 10.45 7.20 22.84
C VAL B 277 11.71 8.06 22.85
N LYS B 278 12.68 7.69 22.01
CA LYS B 278 13.95 8.44 21.97
C LYS B 278 13.79 9.88 21.45
N LEU B 279 12.94 10.08 20.46
CA LEU B 279 12.61 11.44 20.07
C LEU B 279 12.10 12.24 21.26
N GLN B 280 11.17 11.65 22.02
CA GLN B 280 10.62 12.39 23.14
C GLN B 280 11.66 12.60 24.24
N GLU B 281 12.57 11.63 24.42
CA GLU B 281 13.61 11.78 25.42
C GLU B 281 14.48 13.00 25.12
N MSE B 282 14.78 13.18 23.84
CA MSE B 282 15.58 14.31 23.42
C MSE B 282 14.82 15.61 23.56
O MSE B 282 15.41 16.63 23.94
CB MSE B 282 16.06 14.08 21.99
CG MSE B 282 17.19 13.05 21.95
SE MSE B 282 18.00 12.80 20.20
CE MSE B 282 16.60 11.66 19.37
H MSE B 282 14.54 12.66 23.21
HA MSE B 282 16.37 14.35 23.99
HB2 MSE B 282 15.33 13.76 21.45
HB3 MSE B 282 16.41 14.91 21.63
HG2 MSE B 282 17.88 13.32 22.57
HG3 MSE B 282 16.83 12.19 22.23
HE1 MSE B 282 16.85 11.45 18.48
HE2 MSE B 282 16.50 10.86 19.89
HE3 MSE B 282 15.77 12.14 19.37
N VAL B 283 13.53 15.61 23.25
CA VAL B 283 12.70 16.79 23.47
C VAL B 283 12.65 17.15 24.96
N ASP B 284 12.38 16.16 25.79
CA ASP B 284 12.29 16.40 27.24
C ASP B 284 13.60 16.93 27.82
N ALA B 285 14.72 16.50 27.24
CA ALA B 285 16.04 16.86 27.73
C ALA B 285 16.53 18.18 27.15
N GLY B 286 15.72 18.82 26.32
CA GLY B 286 16.08 20.08 25.71
C GLY B 286 17.14 19.97 24.63
N GLN B 287 17.24 18.79 24.02
CA GLN B 287 18.27 18.52 23.00
C GLN B 287 17.76 18.70 21.57
N LEU B 288 16.46 18.53 21.39
CA LEU B 288 15.81 18.60 20.09
C LEU B 288 14.53 19.40 20.16
N THR B 289 14.26 20.16 19.10
CA THR B 289 12.95 20.74 18.89
C THR B 289 12.34 20.01 17.72
N VAL B 290 11.15 19.45 17.91
CA VAL B 290 10.50 18.62 16.90
C VAL B 290 9.32 19.38 16.29
N SER B 291 9.32 19.51 14.97
CA SER B 291 8.27 20.24 14.27
C SER B 291 7.68 19.38 13.18
N GLU B 292 6.39 19.54 12.91
CA GLU B 292 5.80 18.94 11.73
C GLU B 292 6.25 19.71 10.49
N PHE B 293 6.21 19.04 9.34
CA PHE B 293 6.38 19.69 8.06
C PHE B 293 5.01 20.13 7.56
N GLU B 294 4.91 21.35 7.05
CA GLU B 294 3.60 21.94 6.87
C GLU B 294 2.68 21.19 5.90
N ASN B 295 3.16 20.79 4.74
CA ASN B 295 2.28 20.11 3.81
C ASN B 295 2.85 18.75 3.41
N ARG B 296 3.08 17.90 4.41
CA ARG B 296 3.80 16.65 4.17
C ARG B 296 3.19 15.77 3.10
N ASP B 297 1.88 15.62 3.09
CA ASP B 297 1.31 14.62 2.20
C ASP B 297 1.44 15.05 0.74
N LYS B 298 1.66 16.35 0.53
CA LYS B 298 2.08 16.82 -0.79
C LYS B 298 3.43 16.18 -1.20
N MSE B 299 4.29 15.86 -0.23
CA MSE B 299 5.58 15.24 -0.54
C MSE B 299 5.36 13.92 -1.23
O MSE B 299 6.11 13.55 -2.13
CB MSE B 299 6.41 14.95 0.71
CG MSE B 299 6.95 16.15 1.36
SE MSE B 299 8.07 15.68 2.90
CE MSE B 299 9.13 17.38 2.86
H MSE B 299 4.16 16.00 0.60
HA MSE B 299 6.09 15.83 -1.13
HB2 MSE B 299 5.85 14.49 1.35
HB3 MSE B 299 7.16 14.38 0.45
HG2 MSE B 299 7.50 16.64 0.72
HG3 MSE B 299 6.23 16.70 1.67
HE1 MSE B 299 9.77 17.36 3.56
HE2 MSE B 299 9.57 17.46 2.01
HE3 MSE B 299 8.52 18.13 2.97
N LEU B 300 4.33 13.20 -0.79
CA LEU B 300 4.09 11.87 -1.32
C LEU B 300 3.82 11.95 -2.82
N GLU B 301 3.00 12.90 -3.25
CA GLU B 301 2.72 12.94 -4.69
C GLU B 301 3.94 13.45 -5.47
N MSE B 302 4.78 14.27 -4.84
CA MSE B 302 5.96 14.77 -5.54
C MSE B 302 7.03 13.68 -5.79
O MSE B 302 7.76 13.72 -6.79
CB MSE B 302 6.56 15.94 -4.77
CG MSE B 302 5.59 17.10 -4.55
SE MSE B 302 6.36 18.32 -3.25
CE MSE B 302 7.81 18.85 -4.37
H MSE B 302 4.70 14.53 -4.02
HA MSE B 302 5.66 15.11 -6.41
HB2 MSE B 302 6.86 15.62 -3.90
HB3 MSE B 302 7.32 16.28 -5.27
HG2 MSE B 302 5.45 17.58 -5.37
HG3 MSE B 302 4.75 16.76 -4.19
HE1 MSE B 302 8.35 19.49 -3.89
HE2 MSE B 302 8.34 18.08 -4.58
HE3 MSE B 302 7.46 19.25 -5.17
N VAL B 303 7.12 12.71 -4.89
CA VAL B 303 8.18 11.72 -4.98
C VAL B 303 7.77 10.46 -5.75
N LYS B 304 6.47 10.27 -5.99
CA LYS B 304 6.02 9.03 -6.60
C LYS B 304 6.63 8.80 -8.01
N PRO B 305 6.68 9.85 -8.85
CA PRO B 305 7.30 9.64 -10.16
C PRO B 305 8.76 9.24 -10.08
N VAL B 306 9.50 9.78 -9.12
CA VAL B 306 10.89 9.43 -8.95
C VAL B 306 11.05 7.96 -8.51
N GLN B 307 10.20 7.52 -7.59
CA GLN B 307 10.17 6.11 -7.22
C GLN B 307 9.91 5.24 -8.43
N ASP B 308 8.92 5.62 -9.23
CA ASP B 308 8.51 4.81 -10.38
C ASP B 308 9.61 4.74 -11.43
N ALA B 309 10.23 5.90 -11.68
CA ALA B 309 11.31 5.97 -12.66
C ALA B 309 12.51 5.10 -12.29
N TYR B 310 12.84 5.07 -11.01
CA TYR B 310 13.95 4.26 -10.54
C TYR B 310 13.60 2.78 -10.69
N ALA B 311 12.43 2.37 -10.27
CA ALA B 311 12.05 0.97 -10.41
C ALA B 311 12.06 0.55 -11.89
N ALA B 312 11.59 1.43 -12.76
CA ALA B 312 11.59 1.12 -14.19
C ALA B 312 13.00 0.90 -14.73
N GLU B 313 13.92 1.76 -14.30
CA GLU B 313 15.30 1.73 -14.80
C GLU B 313 16.00 0.43 -14.41
N ILE B 314 15.72 -0.09 -13.23
CA ILE B 314 16.31 -1.35 -12.77
C ILE B 314 15.48 -2.58 -13.09
N GLY B 315 14.36 -2.41 -13.79
CA GLY B 315 13.52 -3.52 -14.17
C GLY B 315 12.76 -4.16 -13.01
N ALA B 316 12.36 -3.34 -12.04
CA ALA B 316 11.65 -3.83 -10.85
C ALA B 316 10.28 -3.19 -10.65
N SER B 317 9.62 -2.75 -11.71
CA SER B 317 8.30 -2.13 -11.56
C SER B 317 7.28 -3.06 -10.90
N ASP B 318 7.27 -4.33 -11.31
CA ASP B 318 6.33 -5.28 -10.72
C ASP B 318 6.64 -5.49 -9.24
N LEU B 319 7.93 -5.61 -8.89
CA LEU B 319 8.31 -5.76 -7.49
C LEU B 319 7.83 -4.58 -6.66
N LEU B 320 8.00 -3.36 -7.18
CA LEU B 320 7.54 -2.17 -6.47
C LEU B 320 6.02 -2.21 -6.28
N GLU B 321 5.26 -2.56 -7.32
CA GLU B 321 3.81 -2.66 -7.21
C GLU B 321 3.44 -3.63 -6.11
N ALA B 322 4.15 -4.75 -6.05
CA ALA B 322 3.85 -5.79 -5.07
C ALA B 322 4.14 -5.31 -3.64
N VAL B 323 5.26 -4.60 -3.46
CA VAL B 323 5.58 -4.06 -2.15
C VAL B 323 4.51 -3.05 -1.73
N ARG B 324 4.14 -2.14 -2.64
CA ARG B 324 3.13 -1.13 -2.36
C ARG B 324 1.80 -1.74 -1.93
N ALA B 325 1.49 -2.93 -2.42
CA ALA B 325 0.18 -3.58 -2.20
C ALA B 325 0.11 -4.42 -0.93
N LYS B 326 1.23 -4.49 -0.19
CA LYS B 326 1.24 -5.16 1.10
C LYS B 326 0.69 -4.24 2.18
O6A X1X C . -22.80 -7.60 -6.68
C6 X1X C . -21.61 -7.75 -6.33
O6B X1X C . -20.79 -8.57 -6.83
C5 X1X C . -21.11 -6.80 -5.21
O5 X1X C . -19.73 -7.18 -4.88
C1 X1X C . -19.23 -6.39 -3.79
O1 X1X C . -19.96 -6.54 -2.60
C2 X1X C . -19.24 -4.88 -4.15
O2 X1X C . -18.27 -4.56 -5.14
C3 X1X C . -20.64 -4.46 -4.58
O3 X1X C . -20.59 -3.09 -4.99
C4 X1X C . -21.14 -5.33 -5.71
O4 X1X C . -20.32 -5.17 -6.86
O6A X1X D . 24.71 6.46 6.55
C6 X1X D . 23.73 6.72 7.30
O6B X1X D . 22.92 7.68 7.13
C5 X1X D . 23.50 5.73 8.47
O5 X1X D . 22.46 6.28 9.32
C1 X1X D . 22.18 5.40 10.47
O1 X1X D . 23.33 5.37 11.30
C2 X1X D . 21.83 3.96 10.07
O2 X1X D . 20.52 3.93 9.43
C3 X1X D . 22.89 3.42 9.12
O3 X1X D . 22.50 2.14 8.68
C4 X1X D . 23.12 4.34 7.93
O4 X1X D . 21.95 4.47 7.12
#